data_6YDH
#
_entry.id   6YDH
#
_entity_poly.entity_id   1
_entity_poly.type   'polypeptide(L)'
_entity_poly.pdbx_seq_one_letter_code
;GAMGSESEQRHAHQCVSCGINIAGMSAATFKCPDCGQEISRCSKCRKQSNLYECPDCGFMGP
;
_entity_poly.pdbx_strand_id   A
#
# COMPACT_ATOMS: atom_id res chain seq x y z
N GLY A 1 -14.76 -15.79 21.60
CA GLY A 1 -13.62 -15.73 22.49
C GLY A 1 -12.77 -14.50 22.25
N ALA A 2 -11.71 -14.66 21.48
CA ALA A 2 -10.80 -13.55 21.18
C ALA A 2 -11.24 -12.82 19.92
N MET A 3 -11.33 -11.50 20.02
CA MET A 3 -11.74 -10.67 18.89
C MET A 3 -10.72 -10.74 17.76
N GLY A 4 -11.20 -10.64 16.52
CA GLY A 4 -10.32 -10.69 15.38
C GLY A 4 -9.85 -9.31 14.94
N SER A 5 -8.59 -9.23 14.51
CA SER A 5 -8.02 -7.95 14.07
C SER A 5 -8.37 -7.68 12.61
N GLU A 6 -8.37 -8.74 11.80
CA GLU A 6 -8.70 -8.62 10.39
C GLU A 6 -10.07 -7.97 10.19
N SER A 7 -10.98 -8.26 11.11
CA SER A 7 -12.33 -7.71 11.05
C SER A 7 -12.30 -6.18 11.02
N GLU A 8 -11.39 -5.61 11.81
CA GLU A 8 -11.26 -4.15 11.88
C GLU A 8 -10.36 -3.63 10.75
N GLN A 9 -10.50 -2.36 10.44
CA GLN A 9 -9.71 -1.73 9.37
C GLN A 9 -9.27 -0.32 9.78
N ARG A 10 -8.16 0.13 9.22
CA ARG A 10 -7.63 1.45 9.51
C ARG A 10 -7.25 2.19 8.23
N HIS A 11 -7.12 3.51 8.33
CA HIS A 11 -6.76 4.33 7.19
C HIS A 11 -5.29 4.73 7.24
N ALA A 12 -4.43 3.75 7.49
CA ALA A 12 -2.99 3.99 7.57
C ALA A 12 -2.34 3.85 6.19
N HIS A 13 -2.20 4.97 5.49
CA HIS A 13 -1.60 4.98 4.17
C HIS A 13 -0.08 5.15 4.26
N GLN A 14 0.65 4.09 3.96
CA GLN A 14 2.11 4.13 4.02
C GLN A 14 2.72 3.56 2.73
N CYS A 15 4.00 3.85 2.51
CA CYS A 15 4.70 3.36 1.32
C CYS A 15 4.74 1.84 1.31
N VAL A 16 4.61 1.27 0.11
CA VAL A 16 4.62 -0.19 -0.04
C VAL A 16 6.04 -0.74 0.13
N SER A 17 7.03 0.09 -0.18
CA SER A 17 8.43 -0.31 -0.06
C SER A 17 8.89 -0.26 1.39
N CYS A 18 8.84 0.93 1.98
CA CYS A 18 9.26 1.12 3.36
C CYS A 18 8.06 1.41 4.26
N GLY A 19 7.55 2.64 4.17
CA GLY A 19 6.41 3.03 4.99
C GLY A 19 6.39 4.52 5.28
N ILE A 20 6.76 5.32 4.28
CA ILE A 20 6.78 6.76 4.44
C ILE A 20 5.41 7.29 4.86
N ASN A 21 5.41 8.31 5.71
CA ASN A 21 4.17 8.90 6.19
C ASN A 21 3.53 9.77 5.11
N ILE A 22 3.00 9.13 4.08
CA ILE A 22 2.36 9.84 2.99
C ILE A 22 0.84 9.65 3.02
N ALA A 23 0.28 9.58 4.22
CA ALA A 23 -1.16 9.40 4.38
C ALA A 23 -1.92 10.59 3.82
N GLY A 24 -2.71 10.32 2.77
CA GLY A 24 -3.49 11.38 2.15
C GLY A 24 -2.63 12.40 1.44
N MET A 25 -1.38 12.02 1.16
CA MET A 25 -0.45 12.91 0.48
C MET A 25 -0.58 12.79 -1.04
N SER A 26 0.23 13.54 -1.77
CA SER A 26 0.19 13.52 -3.22
C SER A 26 1.15 12.46 -3.77
N ALA A 27 1.05 11.24 -3.23
CA ALA A 27 1.90 10.14 -3.66
C ALA A 27 1.21 9.32 -4.74
N ALA A 28 1.95 8.36 -5.31
CA ALA A 28 1.40 7.50 -6.35
C ALA A 28 0.19 6.73 -5.85
N THR A 29 -1.00 7.15 -6.30
CA THR A 29 -2.23 6.51 -5.90
C THR A 29 -2.83 5.70 -7.05
N PHE A 30 -2.84 4.38 -6.90
CA PHE A 30 -3.38 3.49 -7.92
C PHE A 30 -4.23 2.40 -7.30
N LYS A 31 -5.10 1.79 -8.11
CA LYS A 31 -5.97 0.73 -7.64
C LYS A 31 -5.44 -0.64 -8.03
N CYS A 32 -5.22 -1.50 -7.04
CA CYS A 32 -4.70 -2.84 -7.29
C CYS A 32 -5.72 -3.67 -8.08
N PRO A 33 -5.25 -4.25 -9.20
CA PRO A 33 -6.10 -5.08 -10.07
C PRO A 33 -6.46 -6.41 -9.42
N ASP A 34 -5.86 -6.68 -8.26
CA ASP A 34 -6.13 -7.92 -7.54
C ASP A 34 -7.29 -7.74 -6.56
N CYS A 35 -7.18 -6.73 -5.71
CA CYS A 35 -8.22 -6.46 -4.73
C CYS A 35 -8.92 -5.13 -5.03
N GLY A 36 -8.14 -4.11 -5.34
CA GLY A 36 -8.70 -2.80 -5.64
C GLY A 36 -8.51 -1.82 -4.51
N GLN A 37 -7.53 -2.08 -3.64
CA GLN A 37 -7.25 -1.22 -2.51
C GLN A 37 -6.37 -0.04 -2.92
N GLU A 38 -6.61 1.12 -2.33
CA GLU A 38 -5.83 2.32 -2.63
C GLU A 38 -4.38 2.16 -2.17
N ILE A 39 -3.47 2.10 -3.13
CA ILE A 39 -2.05 1.96 -2.82
C ILE A 39 -1.32 3.29 -2.97
N SER A 40 -0.63 3.70 -1.91
CA SER A 40 0.11 4.95 -1.92
C SER A 40 1.62 4.69 -1.95
N ARG A 41 2.26 5.13 -3.03
CA ARG A 41 3.70 4.94 -3.18
C ARG A 41 4.43 6.29 -3.20
N CYS A 42 5.34 6.48 -2.25
CA CYS A 42 6.09 7.72 -2.17
C CYS A 42 6.97 7.91 -3.40
N SER A 43 7.44 9.14 -3.59
CA SER A 43 8.28 9.46 -4.74
C SER A 43 9.44 8.47 -4.86
N LYS A 44 10.10 8.20 -3.73
CA LYS A 44 11.22 7.27 -3.70
C LYS A 44 10.84 5.93 -4.32
N CYS A 45 9.59 5.52 -4.10
CA CYS A 45 9.09 4.25 -4.63
C CYS A 45 9.27 4.20 -6.15
N ARG A 46 9.31 5.37 -6.79
CA ARG A 46 9.47 5.45 -8.23
C ARG A 46 10.62 4.57 -8.70
N LYS A 47 11.68 4.50 -7.89
CA LYS A 47 12.84 3.70 -8.22
C LYS A 47 12.57 2.22 -7.98
N GLN A 48 11.81 1.93 -6.94
CA GLN A 48 11.48 0.55 -6.60
C GLN A 48 10.31 0.04 -7.46
N SER A 49 9.82 0.90 -8.34
CA SER A 49 8.71 0.54 -9.22
C SER A 49 9.03 -0.72 -10.01
N ASN A 50 10.31 -0.93 -10.29
CA ASN A 50 10.75 -2.10 -11.04
C ASN A 50 10.19 -3.38 -10.43
N LEU A 51 9.99 -3.36 -9.11
CA LEU A 51 9.47 -4.52 -8.40
C LEU A 51 8.75 -4.10 -7.13
N TYR A 52 7.42 -4.12 -7.18
CA TYR A 52 6.60 -3.73 -6.02
C TYR A 52 5.78 -4.92 -5.52
N GLU A 53 5.01 -4.68 -4.46
CA GLU A 53 4.18 -5.73 -3.88
C GLU A 53 3.04 -5.12 -3.06
N CYS A 54 1.81 -5.43 -3.47
CA CYS A 54 0.63 -4.91 -2.77
C CYS A 54 0.60 -5.39 -1.32
N PRO A 55 0.78 -4.45 -0.38
CA PRO A 55 0.78 -4.76 1.05
C PRO A 55 -0.61 -5.15 1.56
N ASP A 56 -1.62 -4.94 0.72
CA ASP A 56 -2.99 -5.28 1.08
C ASP A 56 -3.26 -6.76 0.88
N CYS A 57 -3.05 -7.25 -0.33
CA CYS A 57 -3.27 -8.65 -0.65
C CYS A 57 -1.95 -9.38 -0.89
N GLY A 58 -0.87 -8.81 -0.35
CA GLY A 58 0.44 -9.41 -0.51
C GLY A 58 0.69 -9.86 -1.94
N PHE A 59 0.29 -9.04 -2.90
CA PHE A 59 0.47 -9.36 -4.31
C PHE A 59 1.80 -8.81 -4.83
N MET A 60 2.79 -9.69 -4.97
CA MET A 60 4.11 -9.29 -5.46
C MET A 60 4.10 -9.14 -6.98
N GLY A 61 4.46 -7.95 -7.44
CA GLY A 61 4.49 -7.70 -8.87
C GLY A 61 5.74 -6.95 -9.30
N PRO A 62 5.84 -6.66 -10.61
CA PRO A 62 6.98 -5.95 -11.17
C PRO A 62 7.01 -4.49 -10.76
N GLY A 1 -8.29 -17.95 21.15
CA GLY A 1 -8.16 -16.65 20.52
C GLY A 1 -6.75 -16.35 20.09
N ALA A 2 -6.56 -15.23 19.40
CA ALA A 2 -5.25 -14.83 18.92
C ALA A 2 -5.09 -13.31 18.95
N MET A 3 -3.84 -12.85 18.93
CA MET A 3 -3.56 -11.42 18.95
C MET A 3 -3.59 -10.83 17.54
N GLY A 4 -4.11 -9.62 17.42
CA GLY A 4 -4.20 -8.97 16.13
C GLY A 4 -3.98 -7.47 16.22
N SER A 5 -2.75 -7.07 16.51
CA SER A 5 -2.41 -5.65 16.62
C SER A 5 -1.87 -5.10 15.31
N GLU A 6 -1.02 -5.89 14.66
CA GLU A 6 -0.42 -5.50 13.39
C GLU A 6 -1.32 -5.92 12.21
N SER A 7 -1.92 -7.09 12.33
CA SER A 7 -2.79 -7.60 11.29
C SER A 7 -3.85 -6.57 10.89
N GLU A 8 -4.33 -5.83 11.88
CA GLU A 8 -5.35 -4.80 11.64
C GLU A 8 -4.83 -3.75 10.66
N GLN A 9 -5.76 -3.11 9.95
CA GLN A 9 -5.39 -2.08 8.98
C GLN A 9 -6.44 -0.98 8.94
N ARG A 10 -5.99 0.27 8.96
CA ARG A 10 -6.89 1.41 8.92
C ARG A 10 -7.51 1.57 7.53
N HIS A 11 -8.34 2.60 7.37
CA HIS A 11 -9.00 2.87 6.10
C HIS A 11 -8.58 4.22 5.53
N ALA A 12 -7.34 4.30 5.06
CA ALA A 12 -6.82 5.53 4.49
C ALA A 12 -5.67 5.26 3.52
N HIS A 13 -5.34 6.25 2.70
CA HIS A 13 -4.26 6.11 1.73
C HIS A 13 -2.91 6.06 2.42
N GLN A 14 -2.33 4.86 2.51
CA GLN A 14 -1.03 4.69 3.15
C GLN A 14 -0.08 3.91 2.25
N CYS A 15 1.20 3.91 2.62
CA CYS A 15 2.21 3.20 1.84
C CYS A 15 1.96 1.70 1.86
N VAL A 16 2.18 1.05 0.71
CA VAL A 16 1.98 -0.38 0.60
C VAL A 16 3.09 -1.15 1.30
N SER A 17 4.26 -0.54 1.39
CA SER A 17 5.41 -1.16 2.05
C SER A 17 5.29 -1.09 3.57
N CYS A 18 5.25 0.13 4.09
CA CYS A 18 5.14 0.36 5.52
C CYS A 18 3.76 0.89 5.88
N GLY A 19 3.53 2.17 5.61
CA GLY A 19 2.26 2.79 5.92
C GLY A 19 2.37 4.28 6.18
N ILE A 20 3.23 4.94 5.42
CA ILE A 20 3.43 6.37 5.57
C ILE A 20 2.12 7.14 5.37
N ASN A 21 1.94 8.21 6.14
CA ASN A 21 0.74 9.03 6.05
C ASN A 21 0.79 9.93 4.81
N ILE A 22 0.72 9.31 3.64
CA ILE A 22 0.76 10.05 2.38
C ILE A 22 -0.62 10.12 1.74
N ALA A 23 -1.65 10.23 2.58
CA ALA A 23 -3.02 10.32 2.10
C ALA A 23 -3.29 11.65 1.44
N GLY A 24 -3.55 11.62 0.13
CA GLY A 24 -3.82 12.85 -0.60
C GLY A 24 -2.60 13.73 -0.73
N MET A 25 -1.43 13.14 -0.50
CA MET A 25 -0.17 13.89 -0.59
C MET A 25 0.65 13.44 -1.78
N SER A 26 1.78 14.09 -2.00
CA SER A 26 2.66 13.76 -3.12
C SER A 26 3.26 12.38 -2.94
N ALA A 27 2.97 11.48 -3.88
CA ALA A 27 3.49 10.12 -3.83
C ALA A 27 3.04 9.32 -5.04
N ALA A 28 3.84 8.32 -5.41
CA ALA A 28 3.53 7.47 -6.55
C ALA A 28 2.15 6.84 -6.41
N THR A 29 1.16 7.42 -7.09
CA THR A 29 -0.21 6.91 -7.03
C THR A 29 -0.61 6.25 -8.35
N PHE A 30 -1.30 5.13 -8.25
CA PHE A 30 -1.74 4.40 -9.43
C PHE A 30 -3.00 3.59 -9.14
N LYS A 31 -3.53 2.93 -10.17
CA LYS A 31 -4.74 2.13 -10.02
C LYS A 31 -4.43 0.65 -10.24
N CYS A 32 -4.78 -0.17 -9.25
CA CYS A 32 -4.55 -1.61 -9.34
C CYS A 32 -5.38 -2.23 -10.46
N PRO A 33 -4.70 -2.93 -11.39
CA PRO A 33 -5.35 -3.58 -12.52
C PRO A 33 -6.19 -4.78 -12.10
N ASP A 34 -6.11 -5.14 -10.82
CA ASP A 34 -6.85 -6.26 -10.28
C ASP A 34 -8.21 -5.82 -9.76
N CYS A 35 -8.22 -4.82 -8.89
CA CYS A 35 -9.45 -4.30 -8.32
C CYS A 35 -9.71 -2.87 -8.80
N GLY A 36 -8.66 -2.05 -8.78
CA GLY A 36 -8.80 -0.67 -9.20
C GLY A 36 -8.83 0.30 -8.04
N GLN A 37 -8.31 -0.14 -6.89
CA GLN A 37 -8.30 0.70 -5.70
C GLN A 37 -7.10 1.65 -5.71
N GLU A 38 -7.37 2.93 -5.59
CA GLU A 38 -6.32 3.94 -5.59
C GLU A 38 -5.23 3.60 -4.59
N ILE A 39 -4.04 3.28 -5.10
CA ILE A 39 -2.91 2.93 -4.24
C ILE A 39 -1.96 4.11 -4.07
N SER A 40 -1.50 4.31 -2.85
CA SER A 40 -0.58 5.41 -2.55
C SER A 40 0.77 4.87 -2.08
N ARG A 41 1.81 5.15 -2.85
CA ARG A 41 3.16 4.70 -2.52
C ARG A 41 4.08 5.88 -2.25
N CYS A 42 4.65 5.92 -1.05
CA CYS A 42 5.56 7.00 -0.67
C CYS A 42 6.82 6.99 -1.54
N SER A 43 7.55 8.09 -1.51
CA SER A 43 8.77 8.21 -2.30
C SER A 43 9.70 7.03 -2.05
N LYS A 44 9.87 6.67 -0.79
CA LYS A 44 10.72 5.54 -0.42
C LYS A 44 10.31 4.27 -1.17
N CYS A 45 9.01 4.12 -1.39
CA CYS A 45 8.49 2.95 -2.09
C CYS A 45 9.14 2.82 -3.47
N ARG A 46 9.61 3.94 -4.01
CA ARG A 46 10.23 3.94 -5.33
C ARG A 46 11.30 2.85 -5.43
N LYS A 47 12.00 2.61 -4.32
CA LYS A 47 13.04 1.60 -4.27
C LYS A 47 12.44 0.20 -4.19
N GLN A 48 11.32 0.09 -3.48
CA GLN A 48 10.64 -1.20 -3.33
C GLN A 48 9.78 -1.50 -4.55
N SER A 49 9.77 -0.60 -5.51
CA SER A 49 8.99 -0.76 -6.73
C SER A 49 9.32 -2.10 -7.40
N ASN A 50 10.55 -2.54 -7.24
CA ASN A 50 11.00 -3.81 -7.83
C ASN A 50 10.04 -4.94 -7.48
N LEU A 51 9.43 -4.83 -6.31
CA LEU A 51 8.48 -5.85 -5.85
C LEU A 51 7.47 -5.25 -4.88
N TYR A 52 6.24 -5.10 -5.35
CA TYR A 52 5.16 -4.55 -4.53
C TYR A 52 3.98 -5.52 -4.44
N GLU A 53 2.97 -5.13 -3.66
CA GLU A 53 1.79 -5.95 -3.49
C GLU A 53 0.60 -5.12 -3.03
N CYS A 54 -0.48 -5.17 -3.79
CA CYS A 54 -1.69 -4.40 -3.46
C CYS A 54 -2.24 -4.83 -2.11
N PRO A 55 -2.17 -3.92 -1.13
CA PRO A 55 -2.65 -4.18 0.24
C PRO A 55 -4.17 -4.26 0.30
N ASP A 56 -4.83 -3.89 -0.80
CA ASP A 56 -6.28 -3.92 -0.86
C ASP A 56 -6.77 -5.33 -1.17
N CYS A 57 -6.31 -5.89 -2.28
CA CYS A 57 -6.70 -7.23 -2.70
C CYS A 57 -5.55 -8.21 -2.55
N GLY A 58 -4.58 -7.85 -1.70
CA GLY A 58 -3.43 -8.72 -1.49
C GLY A 58 -2.87 -9.27 -2.78
N PHE A 59 -2.78 -8.42 -3.80
CA PHE A 59 -2.26 -8.82 -5.09
C PHE A 59 -0.76 -8.57 -5.17
N MET A 60 0.02 -9.65 -5.11
CA MET A 60 1.47 -9.55 -5.18
C MET A 60 1.94 -9.32 -6.61
N GLY A 61 2.84 -8.36 -6.78
CA GLY A 61 3.35 -8.06 -8.12
C GLY A 61 4.79 -7.60 -8.09
N PRO A 62 5.36 -7.36 -9.28
CA PRO A 62 6.75 -6.92 -9.42
C PRO A 62 6.96 -5.50 -8.91
N GLY A 1 -0.03 -18.23 12.55
CA GLY A 1 -1.02 -17.27 12.10
C GLY A 1 -0.41 -16.12 11.32
N ALA A 2 -1.24 -15.35 10.65
CA ALA A 2 -0.77 -14.21 9.87
C ALA A 2 -1.41 -12.91 10.34
N MET A 3 -0.63 -12.11 11.08
CA MET A 3 -1.12 -10.84 11.59
C MET A 3 -0.99 -9.74 10.54
N GLY A 4 -2.00 -8.88 10.45
CA GLY A 4 -1.99 -7.80 9.49
C GLY A 4 -3.37 -7.30 9.15
N SER A 5 -4.32 -8.23 9.01
CA SER A 5 -5.70 -7.87 8.68
C SER A 5 -6.53 -7.70 9.94
N GLU A 6 -6.45 -8.67 10.84
CA GLU A 6 -7.19 -8.62 12.09
C GLU A 6 -6.39 -7.91 13.18
N SER A 7 -5.08 -8.14 13.19
CA SER A 7 -4.20 -7.52 14.18
C SER A 7 -4.40 -6.01 14.21
N GLU A 8 -4.37 -5.40 13.03
CA GLU A 8 -4.53 -3.95 12.93
C GLU A 8 -5.18 -3.58 11.59
N GLN A 9 -5.65 -2.33 11.50
CA GLN A 9 -6.28 -1.85 10.28
C GLN A 9 -6.09 -0.34 10.12
N ARG A 10 -5.72 0.08 8.93
CA ARG A 10 -5.50 1.50 8.64
C ARG A 10 -6.57 2.03 7.70
N HIS A 11 -7.21 3.13 8.08
CA HIS A 11 -8.25 3.74 7.26
C HIS A 11 -7.79 5.10 6.73
N ALA A 12 -6.83 5.07 5.80
CA ALA A 12 -6.31 6.29 5.22
C ALA A 12 -5.24 5.99 4.17
N HIS A 13 -4.99 6.96 3.30
CA HIS A 13 -3.99 6.78 2.24
C HIS A 13 -2.58 6.76 2.83
N GLN A 14 -2.00 5.57 2.90
CA GLN A 14 -0.66 5.40 3.44
C GLN A 14 0.20 4.54 2.51
N CYS A 15 1.51 4.53 2.77
CA CYS A 15 2.43 3.74 1.97
C CYS A 15 2.16 2.25 2.12
N VAL A 16 2.31 1.51 1.03
CA VAL A 16 2.08 0.07 1.04
C VAL A 16 3.21 -0.66 1.75
N SER A 17 4.41 -0.07 1.71
CA SER A 17 5.57 -0.66 2.34
C SER A 17 5.54 -0.44 3.85
N CYS A 18 5.56 0.82 4.26
CA CYS A 18 5.55 1.17 5.68
C CYS A 18 4.21 1.79 6.08
N GLY A 19 4.01 3.05 5.70
CA GLY A 19 2.77 3.74 6.01
C GLY A 19 2.96 5.24 6.12
N ILE A 20 3.79 5.80 5.25
CA ILE A 20 4.06 7.23 5.25
C ILE A 20 2.76 8.02 5.13
N ASN A 21 2.70 9.17 5.81
CA ASN A 21 1.51 10.02 5.77
C ASN A 21 1.44 10.80 4.46
N ILE A 22 1.23 10.08 3.36
CA ILE A 22 1.13 10.70 2.05
C ILE A 22 -0.31 10.77 1.57
N ALA A 23 -1.23 10.99 2.51
CA ALA A 23 -2.65 11.09 2.19
C ALA A 23 -2.93 12.29 1.30
N GLY A 24 -3.36 12.04 0.08
CA GLY A 24 -3.67 13.11 -0.84
C GLY A 24 -2.43 13.88 -1.28
N MET A 25 -1.27 13.25 -1.10
CA MET A 25 0.00 13.87 -1.47
C MET A 25 0.34 13.57 -2.92
N SER A 26 1.49 14.06 -3.37
CA SER A 26 1.93 13.85 -4.74
C SER A 26 2.79 12.59 -4.85
N ALA A 27 2.32 11.50 -4.24
CA ALA A 27 3.04 10.24 -4.27
C ALA A 27 2.54 9.35 -5.40
N ALA A 28 3.32 8.32 -5.72
CA ALA A 28 2.96 7.39 -6.78
C ALA A 28 1.57 6.79 -6.53
N THR A 29 0.58 7.28 -7.26
CA THR A 29 -0.79 6.80 -7.12
C THR A 29 -1.21 5.99 -8.34
N PHE A 30 -1.86 4.86 -8.09
CA PHE A 30 -2.33 3.99 -9.17
C PHE A 30 -3.55 3.19 -8.74
N LYS A 31 -4.10 2.42 -9.68
CA LYS A 31 -5.27 1.60 -9.39
C LYS A 31 -4.94 0.11 -9.49
N CYS A 32 -5.22 -0.63 -8.43
CA CYS A 32 -4.96 -2.06 -8.39
C CYS A 32 -5.82 -2.80 -9.40
N PRO A 33 -5.18 -3.56 -10.29
CA PRO A 33 -5.88 -4.33 -11.33
C PRO A 33 -6.66 -5.50 -10.75
N ASP A 34 -6.49 -5.73 -9.45
CA ASP A 34 -7.19 -6.82 -8.78
C ASP A 34 -8.53 -6.36 -8.23
N CYS A 35 -8.51 -5.28 -7.45
CA CYS A 35 -9.72 -4.74 -6.87
C CYS A 35 -10.04 -3.36 -7.44
N GLY A 36 -9.02 -2.52 -7.57
CA GLY A 36 -9.21 -1.19 -8.10
C GLY A 36 -9.21 -0.12 -7.02
N GLN A 37 -8.61 -0.45 -5.88
CA GLN A 37 -8.54 0.50 -4.77
C GLN A 37 -7.37 1.46 -4.93
N GLU A 38 -7.66 2.76 -4.94
CA GLU A 38 -6.62 3.77 -5.09
C GLU A 38 -5.49 3.54 -4.11
N ILE A 39 -4.31 3.20 -4.63
CA ILE A 39 -3.15 2.95 -3.80
C ILE A 39 -2.20 4.15 -3.80
N SER A 40 -1.67 4.48 -2.63
CA SER A 40 -0.75 5.60 -2.50
C SER A 40 0.60 5.15 -1.97
N ARG A 41 1.62 5.24 -2.81
CA ARG A 41 2.97 4.84 -2.44
C ARG A 41 3.92 6.04 -2.43
N CYS A 42 4.65 6.20 -1.33
CA CYS A 42 5.59 7.31 -1.20
C CYS A 42 6.78 7.13 -2.15
N SER A 43 7.51 8.21 -2.39
CA SER A 43 8.66 8.18 -3.28
C SER A 43 9.61 7.04 -2.90
N LYS A 44 9.86 6.89 -1.60
CA LYS A 44 10.74 5.84 -1.10
C LYS A 44 10.32 4.48 -1.62
N CYS A 45 9.01 4.28 -1.76
CA CYS A 45 8.47 3.02 -2.25
C CYS A 45 9.07 2.67 -3.61
N ARG A 46 9.52 3.69 -4.34
CA ARG A 46 10.11 3.48 -5.66
C ARG A 46 11.17 2.39 -5.61
N LYS A 47 11.90 2.33 -4.50
CA LYS A 47 12.95 1.33 -4.34
C LYS A 47 12.35 -0.04 -4.01
N GLN A 48 11.26 -0.03 -3.25
CA GLN A 48 10.59 -1.27 -2.87
C GLN A 48 9.69 -1.78 -3.99
N SER A 49 9.65 -1.03 -5.09
CA SER A 49 8.83 -1.40 -6.23
C SER A 49 9.14 -2.81 -6.70
N ASN A 50 10.39 -3.24 -6.50
CA ASN A 50 10.82 -4.58 -6.90
C ASN A 50 9.88 -5.64 -6.34
N LEU A 51 9.28 -5.34 -5.20
CA LEU A 51 8.35 -6.27 -4.55
C LEU A 51 7.34 -5.53 -3.70
N TYR A 52 6.10 -5.46 -4.18
CA TYR A 52 5.04 -4.77 -3.44
C TYR A 52 3.85 -5.70 -3.22
N GLU A 53 2.86 -5.21 -2.48
CA GLU A 53 1.66 -6.00 -2.18
C GLU A 53 0.49 -5.09 -1.81
N CYS A 54 -0.61 -5.23 -2.52
CA CYS A 54 -1.80 -4.42 -2.27
C CYS A 54 -2.35 -4.71 -0.88
N PRO A 55 -2.28 -3.71 0.01
CA PRO A 55 -2.77 -3.82 1.38
C PRO A 55 -4.30 -3.89 1.45
N ASP A 56 -4.95 -3.61 0.32
CA ASP A 56 -6.40 -3.64 0.25
C ASP A 56 -6.90 -5.07 0.07
N CYS A 57 -6.46 -5.72 -1.00
CA CYS A 57 -6.87 -7.09 -1.29
C CYS A 57 -5.73 -8.06 -1.03
N GLY A 58 -4.78 -7.64 -0.19
CA GLY A 58 -3.64 -8.49 0.12
C GLY A 58 -3.06 -9.17 -1.10
N PHE A 59 -2.98 -8.43 -2.20
CA PHE A 59 -2.43 -8.96 -3.44
C PHE A 59 -0.92 -8.74 -3.53
N MET A 60 -0.16 -9.79 -3.28
CA MET A 60 1.29 -9.71 -3.33
C MET A 60 1.80 -9.78 -4.77
N GLY A 61 2.78 -8.94 -5.09
CA GLY A 61 3.33 -8.92 -6.43
C GLY A 61 4.75 -8.41 -6.46
N PRO A 62 5.33 -8.32 -7.66
CA PRO A 62 6.70 -7.85 -7.86
C PRO A 62 6.84 -6.36 -7.58
N GLY A 1 -3.56 -7.01 25.72
CA GLY A 1 -4.44 -7.00 24.57
C GLY A 1 -3.81 -6.36 23.35
N ALA A 2 -3.54 -5.06 23.44
CA ALA A 2 -2.92 -4.33 22.34
C ALA A 2 -3.80 -4.38 21.09
N MET A 3 -5.09 -4.10 21.28
CA MET A 3 -6.04 -4.10 20.16
C MET A 3 -6.00 -2.79 19.41
N GLY A 4 -6.05 -2.86 18.09
CA GLY A 4 -6.02 -1.66 17.27
C GLY A 4 -6.25 -1.96 15.80
N SER A 5 -5.23 -1.69 14.98
CA SER A 5 -5.33 -1.92 13.54
C SER A 5 -5.47 -3.41 13.24
N GLU A 6 -4.73 -4.23 13.98
CA GLU A 6 -4.78 -5.68 13.80
C GLU A 6 -6.19 -6.21 14.03
N SER A 7 -6.89 -5.62 14.99
CA SER A 7 -8.24 -6.04 15.32
C SER A 7 -9.22 -5.64 14.21
N GLU A 8 -9.13 -4.39 13.79
CA GLU A 8 -10.00 -3.87 12.74
C GLU A 8 -9.38 -2.66 12.05
N GLN A 9 -9.79 -2.43 10.81
CA GLN A 9 -9.27 -1.29 10.04
C GLN A 9 -10.28 -0.82 9.01
N ARG A 10 -10.07 0.37 8.48
CA ARG A 10 -10.97 0.95 7.49
C ARG A 10 -10.22 1.32 6.21
N HIS A 11 -9.47 2.41 6.27
CA HIS A 11 -8.69 2.88 5.12
C HIS A 11 -7.20 2.86 5.43
N ALA A 12 -6.71 1.73 5.95
CA ALA A 12 -5.30 1.59 6.28
C ALA A 12 -4.43 1.67 5.03
N HIS A 13 -3.90 2.85 4.77
CA HIS A 13 -3.04 3.07 3.60
C HIS A 13 -1.57 3.11 4.01
N GLN A 14 -0.82 2.09 3.63
CA GLN A 14 0.60 2.02 3.96
C GLN A 14 1.43 1.72 2.71
N CYS A 15 2.75 1.89 2.83
CA CYS A 15 3.65 1.64 1.72
C CYS A 15 3.70 0.16 1.37
N VAL A 16 3.78 -0.13 0.07
CA VAL A 16 3.83 -1.51 -0.39
C VAL A 16 5.19 -2.15 -0.12
N SER A 17 6.22 -1.30 -0.06
CA SER A 17 7.57 -1.78 0.20
C SER A 17 7.78 -2.06 1.69
N CYS A 18 7.64 -1.02 2.51
CA CYS A 18 7.81 -1.16 3.94
C CYS A 18 6.47 -1.06 4.66
N GLY A 19 5.96 0.17 4.77
CA GLY A 19 4.68 0.38 5.44
C GLY A 19 4.58 1.76 6.07
N ILE A 20 5.11 2.76 5.37
CA ILE A 20 5.07 4.13 5.87
C ILE A 20 3.64 4.57 6.17
N ASN A 21 3.49 5.36 7.23
CA ASN A 21 2.18 5.85 7.63
C ASN A 21 1.72 7.00 6.72
N ILE A 22 1.61 6.72 5.44
CA ILE A 22 1.18 7.72 4.47
C ILE A 22 -0.30 7.59 4.15
N ALA A 23 -1.08 7.22 5.15
CA ALA A 23 -2.52 7.07 4.97
C ALA A 23 -3.23 8.42 4.99
N GLY A 24 -3.81 8.78 3.85
CA GLY A 24 -4.51 10.05 3.75
C GLY A 24 -3.63 11.16 3.23
N MET A 25 -2.32 11.01 3.40
CA MET A 25 -1.36 12.00 2.94
C MET A 25 -1.15 11.91 1.44
N SER A 26 -0.18 12.66 0.93
CA SER A 26 0.12 12.66 -0.50
C SER A 26 1.23 11.66 -0.82
N ALA A 27 1.01 10.87 -1.87
CA ALA A 27 1.99 9.89 -2.29
C ALA A 27 1.54 9.17 -3.56
N ALA A 28 2.44 8.38 -4.14
CA ALA A 28 2.13 7.63 -5.35
C ALA A 28 0.96 6.69 -5.14
N THR A 29 -0.23 7.12 -5.53
CA THR A 29 -1.43 6.31 -5.38
C THR A 29 -1.98 5.89 -6.75
N PHE A 30 -2.39 4.62 -6.84
CA PHE A 30 -2.93 4.09 -8.08
C PHE A 30 -3.87 2.93 -7.81
N LYS A 31 -4.54 2.45 -8.86
CA LYS A 31 -5.47 1.33 -8.73
C LYS A 31 -4.90 0.06 -9.36
N CYS A 32 -4.85 -1.01 -8.58
CA CYS A 32 -4.33 -2.27 -9.06
C CYS A 32 -5.21 -2.85 -10.15
N PRO A 33 -4.61 -3.15 -11.32
CA PRO A 33 -5.33 -3.70 -12.47
C PRO A 33 -5.78 -5.14 -12.22
N ASP A 34 -5.34 -5.72 -11.11
CA ASP A 34 -5.70 -7.09 -10.76
C ASP A 34 -6.99 -7.11 -9.95
N CYS A 35 -7.02 -6.36 -8.86
CA CYS A 35 -8.19 -6.30 -8.00
C CYS A 35 -8.85 -4.92 -8.05
N GLY A 36 -8.02 -3.89 -7.98
CA GLY A 36 -8.54 -2.52 -8.03
C GLY A 36 -8.55 -1.87 -6.66
N GLN A 37 -7.72 -2.38 -5.75
CA GLN A 37 -7.64 -1.84 -4.41
C GLN A 37 -6.71 -0.64 -4.36
N GLU A 38 -7.22 0.49 -3.88
CA GLU A 38 -6.43 1.72 -3.78
C GLU A 38 -5.11 1.45 -3.06
N ILE A 39 -4.01 1.56 -3.79
CA ILE A 39 -2.69 1.34 -3.22
C ILE A 39 -1.97 2.65 -2.95
N SER A 40 -1.39 2.77 -1.76
CA SER A 40 -0.68 3.98 -1.38
C SER A 40 0.82 3.71 -1.22
N ARG A 41 1.62 4.32 -2.10
CA ARG A 41 3.06 4.16 -2.06
C ARG A 41 3.76 5.47 -1.75
N CYS A 42 4.71 5.42 -0.81
CA CYS A 42 5.45 6.61 -0.41
C CYS A 42 6.46 7.00 -1.48
N SER A 43 6.94 8.24 -1.39
CA SER A 43 7.91 8.74 -2.36
C SER A 43 9.08 7.77 -2.53
N LYS A 44 9.57 7.25 -1.41
CA LYS A 44 10.68 6.31 -1.43
C LYS A 44 10.39 5.14 -2.38
N CYS A 45 9.13 4.74 -2.45
CA CYS A 45 8.72 3.65 -3.32
C CYS A 45 9.16 3.90 -4.76
N ARG A 46 9.30 5.18 -5.11
CA ARG A 46 9.71 5.56 -6.46
C ARG A 46 10.94 4.77 -6.90
N LYS A 47 11.84 4.49 -5.95
CA LYS A 47 13.05 3.75 -6.25
C LYS A 47 12.76 2.26 -6.36
N GLN A 48 11.82 1.77 -5.55
CA GLN A 48 11.44 0.37 -5.57
C GLN A 48 10.45 0.09 -6.69
N SER A 49 10.10 1.13 -7.44
CA SER A 49 9.15 0.99 -8.54
C SER A 49 9.60 -0.09 -9.51
N ASN A 50 10.91 -0.28 -9.62
CA ASN A 50 11.47 -1.28 -10.51
C ASN A 50 10.83 -2.65 -10.27
N LEU A 51 10.43 -2.90 -9.03
CA LEU A 51 9.80 -4.16 -8.68
C LEU A 51 8.88 -3.99 -7.47
N TYR A 52 7.57 -4.02 -7.72
CA TYR A 52 6.58 -3.86 -6.65
C TYR A 52 5.69 -5.10 -6.55
N GLU A 53 4.81 -5.10 -5.57
CA GLU A 53 3.89 -6.22 -5.37
C GLU A 53 2.67 -5.78 -4.57
N CYS A 54 1.49 -5.96 -5.16
CA CYS A 54 0.24 -5.59 -4.51
C CYS A 54 0.02 -6.41 -3.24
N PRO A 55 0.07 -5.74 -2.09
CA PRO A 55 -0.12 -6.39 -0.78
C PRO A 55 -1.57 -6.84 -0.56
N ASP A 56 -2.45 -6.39 -1.44
CA ASP A 56 -3.86 -6.75 -1.35
C ASP A 56 -4.12 -8.14 -1.95
N CYS A 57 -3.77 -8.30 -3.21
CA CYS A 57 -3.95 -9.56 -3.91
C CYS A 57 -2.61 -10.26 -4.14
N GLY A 58 -1.62 -9.90 -3.33
CA GLY A 58 -0.31 -10.50 -3.47
C GLY A 58 0.13 -10.61 -4.92
N PHE A 59 -0.13 -9.56 -5.69
CA PHE A 59 0.26 -9.54 -7.10
C PHE A 59 1.64 -8.94 -7.29
N MET A 60 2.63 -9.80 -7.52
CA MET A 60 4.00 -9.35 -7.72
C MET A 60 4.21 -8.85 -9.15
N GLY A 61 4.65 -7.60 -9.28
CA GLY A 61 4.89 -7.03 -10.58
C GLY A 61 6.19 -6.28 -10.67
N PRO A 62 6.50 -5.73 -11.86
CA PRO A 62 7.73 -4.98 -12.09
C PRO A 62 7.74 -3.64 -11.37
N GLY A 1 -2.41 -17.71 15.82
CA GLY A 1 -2.10 -16.37 16.26
C GLY A 1 -3.33 -15.57 16.61
N ALA A 2 -3.28 -14.86 17.73
CA ALA A 2 -4.40 -14.05 18.18
C ALA A 2 -4.29 -12.61 17.66
N MET A 3 -3.06 -12.10 17.62
CA MET A 3 -2.80 -10.74 17.15
C MET A 3 -2.80 -10.70 15.63
N GLY A 4 -3.09 -9.52 15.08
CA GLY A 4 -3.11 -9.36 13.63
C GLY A 4 -2.63 -7.99 13.19
N SER A 5 -1.76 -7.96 12.20
CA SER A 5 -1.23 -6.70 11.69
C SER A 5 -1.85 -6.35 10.33
N GLU A 6 -2.01 -7.36 9.49
CA GLU A 6 -2.59 -7.16 8.16
C GLU A 6 -4.10 -6.97 8.26
N SER A 7 -4.74 -7.72 9.16
CA SER A 7 -6.17 -7.63 9.34
C SER A 7 -6.60 -6.20 9.69
N GLU A 8 -5.85 -5.57 10.60
CA GLU A 8 -6.15 -4.22 11.02
C GLU A 8 -5.68 -3.21 9.97
N GLN A 9 -6.29 -2.03 9.97
CA GLN A 9 -5.94 -0.99 9.01
C GLN A 9 -6.47 0.37 9.47
N ARG A 10 -5.75 1.43 9.12
CA ARG A 10 -6.15 2.78 9.49
C ARG A 10 -6.93 3.45 8.37
N HIS A 11 -7.63 4.54 8.70
CA HIS A 11 -8.42 5.26 7.71
C HIS A 11 -7.58 6.34 7.03
N ALA A 12 -6.58 5.92 6.26
CA ALA A 12 -5.72 6.85 5.56
C ALA A 12 -4.86 6.13 4.52
N HIS A 13 -4.54 6.82 3.43
CA HIS A 13 -3.73 6.24 2.37
C HIS A 13 -2.25 6.18 2.79
N GLN A 14 -1.80 5.00 3.16
CA GLN A 14 -0.42 4.80 3.58
C GLN A 14 0.38 4.06 2.51
N CYS A 15 1.70 4.04 2.67
CA CYS A 15 2.57 3.36 1.72
C CYS A 15 2.39 1.85 1.80
N VAL A 16 2.43 1.19 0.65
CA VAL A 16 2.28 -0.26 0.59
C VAL A 16 3.54 -0.97 1.09
N SER A 17 4.68 -0.30 0.95
CA SER A 17 5.95 -0.87 1.37
C SER A 17 6.10 -0.76 2.89
N CYS A 18 6.11 0.47 3.39
CA CYS A 18 6.25 0.71 4.83
C CYS A 18 4.94 1.19 5.43
N GLY A 19 4.59 2.44 5.18
CA GLY A 19 3.36 3.00 5.70
C GLY A 19 3.46 4.50 5.94
N ILE A 20 4.12 5.20 5.04
CA ILE A 20 4.28 6.64 5.15
C ILE A 20 2.93 7.34 5.26
N ASN A 21 2.87 8.39 6.07
CA ASN A 21 1.63 9.15 6.25
C ASN A 21 1.38 10.07 5.06
N ILE A 22 1.26 9.48 3.88
CA ILE A 22 1.01 10.25 2.66
C ILE A 22 -0.47 10.27 2.31
N ALA A 23 -1.32 10.23 3.32
CA ALA A 23 -2.76 10.24 3.13
C ALA A 23 -3.27 11.66 2.88
N GLY A 24 -3.78 11.90 1.67
CA GLY A 24 -4.29 13.21 1.33
C GLY A 24 -3.33 14.01 0.48
N MET A 25 -2.04 13.68 0.58
CA MET A 25 -1.01 14.37 -0.18
C MET A 25 -0.76 13.68 -1.52
N SER A 26 0.11 14.26 -2.33
CA SER A 26 0.43 13.70 -3.64
C SER A 26 1.36 12.51 -3.50
N ALA A 27 1.19 11.52 -4.38
CA ALA A 27 2.03 10.33 -4.35
C ALA A 27 1.65 9.38 -5.49
N ALA A 28 2.38 8.27 -5.59
CA ALA A 28 2.12 7.28 -6.63
C ALA A 28 0.70 6.72 -6.51
N THR A 29 -0.21 7.28 -7.31
CA THR A 29 -1.60 6.85 -7.30
C THR A 29 -1.93 6.01 -8.53
N PHE A 30 -2.19 4.73 -8.31
CA PHE A 30 -2.51 3.82 -9.41
C PHE A 30 -3.67 2.90 -9.02
N LYS A 31 -4.38 2.40 -10.03
CA LYS A 31 -5.50 1.51 -9.81
C LYS A 31 -5.09 0.05 -9.94
N CYS A 32 -5.30 -0.72 -8.89
CA CYS A 32 -4.95 -2.13 -8.88
C CYS A 32 -5.79 -2.92 -9.90
N PRO A 33 -5.10 -3.65 -10.79
CA PRO A 33 -5.76 -4.45 -11.83
C PRO A 33 -6.51 -5.65 -11.25
N ASP A 34 -6.33 -5.87 -9.95
CA ASP A 34 -6.98 -6.99 -9.28
C ASP A 34 -8.34 -6.58 -8.72
N CYS A 35 -8.34 -5.50 -7.94
CA CYS A 35 -9.57 -5.00 -7.33
C CYS A 35 -9.93 -3.64 -7.91
N GLY A 36 -8.95 -2.76 -8.01
CA GLY A 36 -9.18 -1.43 -8.55
C GLY A 36 -9.19 -0.36 -7.46
N GLN A 37 -8.56 -0.67 -6.34
CA GLN A 37 -8.50 0.27 -5.22
C GLN A 37 -7.35 1.26 -5.41
N GLU A 38 -7.57 2.50 -4.98
CA GLU A 38 -6.56 3.54 -5.09
C GLU A 38 -5.36 3.24 -4.20
N ILE A 39 -4.22 2.96 -4.82
CA ILE A 39 -3.01 2.66 -4.08
C ILE A 39 -2.05 3.85 -4.08
N SER A 40 -1.69 4.30 -2.88
CA SER A 40 -0.79 5.43 -2.73
C SER A 40 0.58 4.99 -2.21
N ARG A 41 1.59 5.10 -3.07
CA ARG A 41 2.96 4.70 -2.70
C ARG A 41 3.89 5.91 -2.69
N CYS A 42 4.53 6.14 -1.55
CA CYS A 42 5.44 7.27 -1.41
C CYS A 42 6.64 7.12 -2.35
N SER A 43 7.37 8.20 -2.54
CA SER A 43 8.53 8.19 -3.42
C SER A 43 9.46 7.04 -3.08
N LYS A 44 9.55 6.71 -1.80
CA LYS A 44 10.39 5.62 -1.34
C LYS A 44 10.11 4.33 -2.11
N CYS A 45 8.87 4.20 -2.58
CA CYS A 45 8.47 3.02 -3.34
C CYS A 45 9.44 2.76 -4.48
N ARG A 46 10.10 3.81 -4.95
CA ARG A 46 11.05 3.69 -6.05
C ARG A 46 12.02 2.54 -5.81
N LYS A 47 12.38 2.33 -4.55
CA LYS A 47 13.30 1.26 -4.18
C LYS A 47 12.56 -0.07 -4.06
N GLN A 48 11.32 -0.01 -3.61
CA GLN A 48 10.51 -1.22 -3.45
C GLN A 48 9.90 -1.64 -4.78
N SER A 49 10.19 -0.88 -5.83
CA SER A 49 9.66 -1.17 -7.16
C SER A 49 9.97 -2.60 -7.57
N ASN A 50 11.12 -3.11 -7.11
CA ASN A 50 11.53 -4.47 -7.44
C ASN A 50 10.42 -5.47 -7.09
N LEU A 51 9.69 -5.18 -6.02
CA LEU A 51 8.61 -6.05 -5.60
C LEU A 51 7.58 -5.28 -4.77
N TYR A 52 6.32 -5.34 -5.19
CA TYR A 52 5.24 -4.65 -4.50
C TYR A 52 4.08 -5.59 -4.21
N GLU A 53 3.11 -5.11 -3.42
CA GLU A 53 1.96 -5.93 -3.06
C GLU A 53 0.78 -5.03 -2.65
N CYS A 54 -0.39 -5.32 -3.19
CA CYS A 54 -1.59 -4.55 -2.88
C CYS A 54 -2.10 -4.89 -1.49
N PRO A 55 -2.04 -3.91 -0.58
CA PRO A 55 -2.48 -4.07 0.81
C PRO A 55 -4.01 -4.19 0.91
N ASP A 56 -4.70 -3.89 -0.19
CA ASP A 56 -6.15 -3.97 -0.22
C ASP A 56 -6.62 -5.41 -0.43
N CYS A 57 -6.16 -6.02 -1.52
CA CYS A 57 -6.53 -7.39 -1.84
C CYS A 57 -5.36 -8.33 -1.62
N GLY A 58 -4.41 -7.91 -0.79
CA GLY A 58 -3.25 -8.73 -0.51
C GLY A 58 -2.68 -9.38 -1.76
N PHE A 59 -2.63 -8.61 -2.85
CA PHE A 59 -2.11 -9.12 -4.11
C PHE A 59 -0.61 -8.87 -4.23
N MET A 60 0.18 -9.93 -4.07
CA MET A 60 1.63 -9.81 -4.16
C MET A 60 2.09 -9.87 -5.61
N GLY A 61 2.88 -8.87 -6.01
CA GLY A 61 3.38 -8.83 -7.38
C GLY A 61 4.82 -8.37 -7.44
N PRO A 62 5.37 -8.35 -8.67
CA PRO A 62 6.75 -7.92 -8.90
C PRO A 62 6.95 -6.42 -8.68
N GLY A 1 -5.81 -7.57 27.53
CA GLY A 1 -6.54 -8.75 27.97
C GLY A 1 -7.03 -9.59 26.80
N ALA A 2 -6.15 -10.39 26.23
CA ALA A 2 -6.49 -11.24 25.10
C ALA A 2 -7.09 -10.43 23.95
N MET A 3 -6.45 -9.30 23.64
CA MET A 3 -6.92 -8.43 22.57
C MET A 3 -6.51 -8.98 21.20
N GLY A 4 -7.41 -8.87 20.22
CA GLY A 4 -7.12 -9.36 18.90
C GLY A 4 -6.69 -8.26 17.95
N SER A 5 -5.62 -7.55 18.31
CA SER A 5 -5.11 -6.46 17.49
C SER A 5 -4.80 -6.94 16.07
N GLU A 6 -4.25 -8.14 15.98
CA GLU A 6 -3.89 -8.73 14.69
C GLU A 6 -5.14 -9.02 13.86
N SER A 7 -6.20 -9.45 14.54
CA SER A 7 -7.45 -9.78 13.88
C SER A 7 -8.02 -8.57 13.15
N GLU A 8 -8.05 -7.43 13.85
CA GLU A 8 -8.57 -6.20 13.27
C GLU A 8 -7.45 -5.41 12.60
N GLN A 9 -7.83 -4.47 11.73
CA GLN A 9 -6.85 -3.64 11.02
C GLN A 9 -7.56 -2.59 10.17
N ARG A 10 -7.02 -1.38 10.17
CA ARG A 10 -7.58 -0.28 9.39
C ARG A 10 -7.28 -0.45 7.91
N HIS A 11 -7.80 0.47 7.10
CA HIS A 11 -7.58 0.43 5.65
C HIS A 11 -7.19 1.80 5.13
N ALA A 12 -6.40 2.53 5.91
CA ALA A 12 -5.95 3.85 5.52
C ALA A 12 -4.93 3.78 4.37
N HIS A 13 -4.81 4.87 3.63
CA HIS A 13 -3.87 4.92 2.51
C HIS A 13 -2.42 4.95 3.01
N GLN A 14 -1.75 3.81 2.89
CA GLN A 14 -0.37 3.70 3.33
C GLN A 14 0.54 3.21 2.19
N CYS A 15 1.84 3.30 2.40
CA CYS A 15 2.80 2.87 1.40
C CYS A 15 2.77 1.35 1.23
N VAL A 16 2.89 0.90 -0.02
CA VAL A 16 2.87 -0.53 -0.31
C VAL A 16 4.16 -1.20 0.13
N SER A 17 5.24 -0.43 0.17
CA SER A 17 6.54 -0.95 0.57
C SER A 17 6.62 -1.08 2.10
N CYS A 18 6.50 0.05 2.79
CA CYS A 18 6.56 0.07 4.24
C CYS A 18 5.18 0.35 4.84
N GLY A 19 4.77 1.62 4.78
CA GLY A 19 3.49 2.01 5.32
C GLY A 19 3.45 3.46 5.77
N ILE A 20 4.11 4.32 5.00
CA ILE A 20 4.15 5.74 5.32
C ILE A 20 2.74 6.33 5.41
N ASN A 21 2.57 7.27 6.33
CA ASN A 21 1.26 7.91 6.52
C ASN A 21 1.02 8.95 5.43
N ILE A 22 0.98 8.50 4.18
CA ILE A 22 0.75 9.40 3.06
C ILE A 22 -0.72 9.36 2.62
N ALA A 23 -1.62 9.21 3.58
CA ALA A 23 -3.04 9.16 3.30
C ALA A 23 -3.55 10.52 2.83
N GLY A 24 -4.00 10.59 1.58
CA GLY A 24 -4.51 11.83 1.03
C GLY A 24 -3.43 12.87 0.87
N MET A 25 -2.17 12.44 0.88
CA MET A 25 -1.04 13.35 0.74
C MET A 25 -0.38 13.17 -0.63
N SER A 26 0.75 13.86 -0.82
CA SER A 26 1.49 13.77 -2.08
C SER A 26 2.27 12.47 -2.17
N ALA A 27 2.00 11.70 -3.22
CA ALA A 27 2.68 10.42 -3.42
C ALA A 27 2.23 9.76 -4.71
N ALA A 28 3.01 8.79 -5.18
CA ALA A 28 2.69 8.06 -6.41
C ALA A 28 1.27 7.49 -6.35
N THR A 29 0.35 8.12 -7.06
CA THR A 29 -1.04 7.67 -7.09
C THR A 29 -1.38 7.05 -8.43
N PHE A 30 -1.67 5.76 -8.43
CA PHE A 30 -2.03 5.04 -9.65
C PHE A 30 -3.16 4.06 -9.40
N LYS A 31 -3.68 3.48 -10.48
CA LYS A 31 -4.77 2.51 -10.37
C LYS A 31 -4.29 1.10 -10.72
N CYS A 32 -4.51 0.17 -9.80
CA CYS A 32 -4.09 -1.21 -10.02
C CYS A 32 -4.88 -1.85 -11.17
N PRO A 33 -4.16 -2.39 -12.16
CA PRO A 33 -4.77 -3.03 -13.32
C PRO A 33 -5.45 -4.35 -12.96
N ASP A 34 -5.27 -4.78 -11.72
CA ASP A 34 -5.88 -6.02 -11.26
C ASP A 34 -7.27 -5.77 -10.68
N CYS A 35 -7.35 -4.86 -9.72
CA CYS A 35 -8.61 -4.53 -9.08
C CYS A 35 -9.05 -3.11 -9.43
N GLY A 36 -8.10 -2.17 -9.37
CA GLY A 36 -8.40 -0.79 -9.69
C GLY A 36 -8.46 0.09 -8.46
N GLN A 37 -7.85 -0.37 -7.38
CA GLN A 37 -7.83 0.38 -6.13
C GLN A 37 -6.73 1.44 -6.13
N GLU A 38 -7.08 2.64 -5.68
CA GLU A 38 -6.11 3.73 -5.64
C GLU A 38 -4.94 3.39 -4.72
N ILE A 39 -3.76 3.24 -5.32
CA ILE A 39 -2.56 2.92 -4.56
C ILE A 39 -1.69 4.15 -4.35
N SER A 40 -1.26 4.37 -3.11
CA SER A 40 -0.42 5.51 -2.78
C SER A 40 0.91 5.06 -2.19
N ARG A 41 1.99 5.24 -2.97
CA ARG A 41 3.32 4.85 -2.53
C ARG A 41 4.22 6.06 -2.39
N CYS A 42 4.76 6.26 -1.19
CA CYS A 42 5.65 7.39 -0.93
C CYS A 42 6.81 7.41 -1.90
N SER A 43 7.51 8.54 -1.96
CA SER A 43 8.66 8.69 -2.86
C SER A 43 9.61 7.51 -2.72
N LYS A 44 9.72 6.98 -1.51
CA LYS A 44 10.59 5.85 -1.24
C LYS A 44 10.35 4.72 -2.23
N CYS A 45 9.11 4.63 -2.71
CA CYS A 45 8.74 3.58 -3.67
C CYS A 45 9.71 3.56 -4.85
N ARG A 46 10.32 4.70 -5.13
CA ARG A 46 11.26 4.82 -6.24
C ARG A 46 12.29 3.69 -6.18
N LYS A 47 12.67 3.30 -4.97
CA LYS A 47 13.65 2.23 -4.79
C LYS A 47 12.99 0.87 -4.89
N GLN A 48 11.74 0.78 -4.43
CA GLN A 48 11.00 -0.47 -4.47
C GLN A 48 10.39 -0.71 -5.85
N SER A 49 10.64 0.23 -6.76
CA SER A 49 10.11 0.13 -8.12
C SER A 49 10.52 -1.20 -8.76
N ASN A 50 11.70 -1.68 -8.40
CA ASN A 50 12.20 -2.94 -8.94
C ASN A 50 11.18 -4.05 -8.77
N LEU A 51 10.44 -4.01 -7.67
CA LEU A 51 9.43 -5.02 -7.38
C LEU A 51 8.39 -4.49 -6.39
N TYR A 52 7.12 -4.58 -6.76
CA TYR A 52 6.03 -4.11 -5.92
C TYR A 52 4.92 -5.14 -5.83
N GLU A 53 3.93 -4.88 -4.97
CA GLU A 53 2.81 -5.79 -4.80
C GLU A 53 1.60 -5.06 -4.21
N CYS A 54 0.48 -5.16 -4.91
CA CYS A 54 -0.75 -4.51 -4.47
C CYS A 54 -1.26 -5.11 -3.16
N PRO A 55 -1.21 -4.33 -2.08
CA PRO A 55 -1.66 -4.76 -0.76
C PRO A 55 -3.17 -4.96 -0.68
N ASP A 56 -3.87 -4.47 -1.71
CA ASP A 56 -5.32 -4.59 -1.77
C ASP A 56 -5.74 -5.97 -2.24
N CYS A 57 -5.27 -6.35 -3.41
CA CYS A 57 -5.61 -7.66 -3.98
C CYS A 57 -4.41 -8.60 -3.92
N GLY A 58 -3.47 -8.29 -3.03
CA GLY A 58 -2.28 -9.12 -2.87
C GLY A 58 -1.69 -9.53 -4.20
N PHE A 59 -1.67 -8.61 -5.15
CA PHE A 59 -1.13 -8.87 -6.47
C PHE A 59 0.36 -8.54 -6.54
N MET A 60 1.19 -9.57 -6.61
CA MET A 60 2.64 -9.38 -6.68
C MET A 60 3.09 -9.12 -8.11
N GLY A 61 3.76 -7.99 -8.32
CA GLY A 61 4.24 -7.65 -9.65
C GLY A 61 5.66 -7.13 -9.64
N PRO A 62 6.20 -6.84 -10.83
CA PRO A 62 7.56 -6.34 -10.98
C PRO A 62 7.71 -4.92 -10.46
N GLY A 1 -3.00 -8.46 24.02
CA GLY A 1 -3.57 -7.56 23.03
C GLY A 1 -3.13 -7.90 21.63
N ALA A 2 -3.71 -8.96 21.07
CA ALA A 2 -3.39 -9.39 19.72
C ALA A 2 -3.63 -8.27 18.72
N MET A 3 -3.22 -8.49 17.47
CA MET A 3 -3.39 -7.51 16.41
C MET A 3 -4.83 -7.50 15.91
N GLY A 4 -5.31 -6.32 15.52
CA GLY A 4 -6.67 -6.19 15.03
C GLY A 4 -6.73 -6.14 13.51
N SER A 5 -6.69 -7.31 12.87
CA SER A 5 -6.74 -7.39 11.42
C SER A 5 -8.18 -7.38 10.92
N GLU A 6 -8.96 -8.37 11.36
CA GLU A 6 -10.35 -8.48 10.96
C GLU A 6 -11.25 -7.72 11.92
N SER A 7 -10.94 -7.78 13.20
CA SER A 7 -11.72 -7.10 14.23
C SER A 7 -11.78 -5.60 13.95
N GLU A 8 -10.63 -5.00 13.67
CA GLU A 8 -10.56 -3.58 13.39
C GLU A 8 -10.60 -3.31 11.89
N GLN A 9 -10.90 -2.07 11.52
CA GLN A 9 -10.97 -1.69 10.11
C GLN A 9 -9.58 -1.51 9.52
N ARG A 10 -9.53 -1.02 8.28
CA ARG A 10 -8.26 -0.80 7.60
C ARG A 10 -8.21 0.58 6.97
N HIS A 11 -8.11 1.62 7.81
CA HIS A 11 -8.06 2.99 7.34
C HIS A 11 -6.69 3.61 7.62
N ALA A 12 -5.78 3.47 6.67
CA ALA A 12 -4.43 4.01 6.83
C ALA A 12 -3.61 3.80 5.56
N HIS A 13 -3.36 4.88 4.83
CA HIS A 13 -2.59 4.81 3.60
C HIS A 13 -1.10 4.95 3.89
N GLN A 14 -0.37 3.84 3.77
CA GLN A 14 1.06 3.83 4.03
C GLN A 14 1.83 3.33 2.81
N CYS A 15 3.15 3.50 2.83
CA CYS A 15 4.00 3.06 1.72
C CYS A 15 4.06 1.54 1.67
N VAL A 16 4.06 1.00 0.46
CA VAL A 16 4.13 -0.44 0.26
C VAL A 16 5.52 -0.98 0.57
N SER A 17 6.52 -0.13 0.40
CA SER A 17 7.90 -0.52 0.67
C SER A 17 8.19 -0.52 2.16
N CYS A 18 8.07 0.66 2.78
CA CYS A 18 8.32 0.79 4.21
C CYS A 18 7.01 1.03 4.97
N GLY A 19 6.50 2.24 4.88
CA GLY A 19 5.26 2.58 5.56
C GLY A 19 5.16 4.05 5.90
N ILE A 20 5.63 4.90 5.00
CA ILE A 20 5.60 6.34 5.21
C ILE A 20 4.17 6.83 5.44
N ASN A 21 4.03 7.81 6.33
CA ASN A 21 2.72 8.37 6.65
C ASN A 21 2.24 9.32 5.54
N ILE A 22 2.11 8.78 4.34
CA ILE A 22 1.66 9.58 3.20
C ILE A 22 0.17 9.41 2.97
N ALA A 23 -0.59 9.27 4.06
CA ALA A 23 -2.03 9.10 3.97
C ALA A 23 -2.71 10.38 3.49
N GLY A 24 -3.31 10.32 2.30
CA GLY A 24 -3.98 11.48 1.75
C GLY A 24 -3.02 12.58 1.37
N MET A 25 -1.73 12.23 1.23
CA MET A 25 -0.72 13.20 0.87
C MET A 25 -0.25 13.00 -0.57
N SER A 26 0.78 13.73 -0.97
CA SER A 26 1.31 13.63 -2.31
C SER A 26 2.19 12.39 -2.47
N ALA A 27 1.79 11.50 -3.37
CA ALA A 27 2.54 10.27 -3.61
C ALA A 27 1.89 9.45 -4.72
N ALA A 28 2.62 8.46 -5.22
CA ALA A 28 2.13 7.59 -6.28
C ALA A 28 0.82 6.92 -5.86
N THR A 29 -0.29 7.43 -6.39
CA THR A 29 -1.60 6.88 -6.07
C THR A 29 -2.20 6.16 -7.28
N PHE A 30 -2.46 4.86 -7.12
CA PHE A 30 -3.03 4.05 -8.18
C PHE A 30 -4.01 3.02 -7.62
N LYS A 31 -4.64 2.27 -8.52
CA LYS A 31 -5.60 1.26 -8.12
C LYS A 31 -5.10 -0.13 -8.50
N CYS A 32 -5.04 -1.02 -7.51
CA CYS A 32 -4.57 -2.38 -7.73
C CYS A 32 -5.54 -3.15 -8.63
N PRO A 33 -5.01 -3.70 -9.74
CA PRO A 33 -5.81 -4.46 -10.70
C PRO A 33 -6.29 -5.80 -10.13
N ASP A 34 -5.80 -6.13 -8.95
CA ASP A 34 -6.17 -7.39 -8.29
C ASP A 34 -7.42 -7.20 -7.43
N CYS A 35 -7.37 -6.21 -6.54
CA CYS A 35 -8.49 -5.93 -5.66
C CYS A 35 -9.10 -4.57 -5.95
N GLY A 36 -8.24 -3.57 -6.14
CA GLY A 36 -8.71 -2.22 -6.43
C GLY A 36 -8.56 -1.29 -5.25
N GLN A 37 -7.69 -1.66 -4.32
CA GLN A 37 -7.46 -0.84 -3.12
C GLN A 37 -6.47 0.28 -3.42
N GLU A 38 -6.90 1.52 -3.18
CA GLU A 38 -6.05 2.67 -3.42
C GLU A 38 -4.69 2.51 -2.73
N ILE A 39 -3.65 2.39 -3.55
CA ILE A 39 -2.30 2.22 -3.01
C ILE A 39 -1.53 3.54 -3.05
N SER A 40 -0.87 3.86 -1.93
CA SER A 40 -0.10 5.09 -1.83
C SER A 40 1.36 4.80 -1.49
N ARG A 41 2.24 4.99 -2.46
CA ARG A 41 3.66 4.74 -2.28
C ARG A 41 4.46 6.04 -2.40
N CYS A 42 5.21 6.36 -1.35
CA CYS A 42 6.02 7.58 -1.35
C CYS A 42 6.96 7.62 -2.55
N SER A 43 7.52 8.79 -2.81
CA SER A 43 8.43 8.96 -3.95
C SER A 43 9.51 7.88 -3.95
N LYS A 44 9.91 7.45 -2.76
CA LYS A 44 10.92 6.41 -2.63
C LYS A 44 10.58 5.19 -3.48
N CYS A 45 9.29 4.95 -3.66
CA CYS A 45 8.83 3.82 -4.45
C CYS A 45 9.47 3.83 -5.84
N ARG A 46 9.87 5.01 -6.28
CA ARG A 46 10.51 5.17 -7.59
C ARG A 46 11.62 4.13 -7.79
N LYS A 47 12.33 3.83 -6.70
CA LYS A 47 13.41 2.85 -6.75
C LYS A 47 12.87 1.43 -6.65
N GLN A 48 11.78 1.27 -5.91
CA GLN A 48 11.18 -0.04 -5.73
C GLN A 48 10.28 -0.39 -6.92
N SER A 49 10.20 0.52 -7.89
CA SER A 49 9.38 0.31 -9.07
C SER A 49 9.74 -1.00 -9.76
N ASN A 50 11.02 -1.36 -9.70
CA ASN A 50 11.50 -2.59 -10.31
C ASN A 50 10.67 -3.79 -9.87
N LEU A 51 10.23 -3.76 -8.61
CA LEU A 51 9.43 -4.84 -8.06
C LEU A 51 8.59 -4.34 -6.89
N TYR A 52 7.28 -4.52 -6.97
CA TYR A 52 6.37 -4.10 -5.92
C TYR A 52 5.40 -5.21 -5.55
N GLU A 53 4.62 -4.99 -4.51
CA GLU A 53 3.64 -5.98 -4.05
C GLU A 53 2.54 -5.32 -3.23
N CYS A 54 1.29 -5.55 -3.63
CA CYS A 54 0.14 -4.98 -2.95
C CYS A 54 0.02 -5.55 -1.54
N PRO A 55 0.23 -4.70 -0.52
CA PRO A 55 0.14 -5.10 0.88
C PRO A 55 -1.29 -5.40 1.31
N ASP A 56 -2.24 -5.04 0.46
CA ASP A 56 -3.65 -5.27 0.75
C ASP A 56 -4.04 -6.72 0.45
N CYS A 57 -3.81 -7.15 -0.79
CA CYS A 57 -4.12 -8.50 -1.21
C CYS A 57 -2.86 -9.34 -1.37
N GLY A 58 -1.78 -8.89 -0.73
CA GLY A 58 -0.52 -9.60 -0.81
C GLY A 58 -0.20 -10.07 -2.22
N PHE A 59 -0.47 -9.21 -3.20
CA PHE A 59 -0.23 -9.53 -4.59
C PHE A 59 1.16 -9.06 -5.01
N MET A 60 2.05 -10.01 -5.29
CA MET A 60 3.42 -9.69 -5.70
C MET A 60 3.47 -9.44 -7.21
N GLY A 61 4.06 -8.31 -7.59
CA GLY A 61 4.17 -7.97 -9.00
C GLY A 61 5.51 -7.33 -9.34
N PRO A 62 5.72 -7.05 -10.63
CA PRO A 62 6.97 -6.43 -11.11
C PRO A 62 7.09 -4.97 -10.67
N GLY A 1 -4.51 -13.25 18.02
CA GLY A 1 -4.64 -12.62 19.32
C GLY A 1 -6.07 -12.49 19.77
N ALA A 2 -6.85 -11.71 19.02
CA ALA A 2 -8.26 -11.51 19.35
C ALA A 2 -9.07 -11.20 18.10
N MET A 3 -10.30 -11.71 18.05
CA MET A 3 -11.17 -11.50 16.91
C MET A 3 -11.61 -10.03 16.83
N GLY A 4 -11.97 -9.59 15.64
CA GLY A 4 -12.40 -8.22 15.44
C GLY A 4 -11.32 -7.36 14.83
N SER A 5 -10.13 -7.37 15.43
CA SER A 5 -9.01 -6.59 14.94
C SER A 5 -8.77 -6.84 13.45
N GLU A 6 -8.77 -8.11 13.07
CA GLU A 6 -8.56 -8.48 11.67
C GLU A 6 -9.70 -7.98 10.79
N SER A 7 -10.94 -8.27 11.21
CA SER A 7 -12.11 -7.85 10.46
C SER A 7 -12.11 -6.34 10.24
N GLU A 8 -11.64 -5.60 11.25
CA GLU A 8 -11.58 -4.15 11.17
C GLU A 8 -10.22 -3.68 10.69
N GLN A 9 -10.11 -2.39 10.39
CA GLN A 9 -8.86 -1.82 9.91
C GLN A 9 -8.87 -0.29 10.04
N ARG A 10 -7.72 0.33 9.81
CA ARG A 10 -7.60 1.77 9.89
C ARG A 10 -7.26 2.38 8.53
N HIS A 11 -7.27 3.71 8.47
CA HIS A 11 -6.96 4.41 7.22
C HIS A 11 -5.50 4.86 7.20
N ALA A 12 -4.61 3.98 7.65
CA ALA A 12 -3.19 4.29 7.69
C ALA A 12 -2.53 4.02 6.33
N HIS A 13 -2.43 5.06 5.51
CA HIS A 13 -1.83 4.94 4.19
C HIS A 13 -0.32 5.16 4.26
N GLN A 14 0.44 4.09 4.07
CA GLN A 14 1.90 4.17 4.11
C GLN A 14 2.50 3.66 2.80
N CYS A 15 3.79 3.92 2.62
CA CYS A 15 4.49 3.50 1.41
C CYS A 15 4.65 1.98 1.38
N VAL A 16 4.45 1.39 0.20
CA VAL A 16 4.58 -0.06 0.04
C VAL A 16 6.03 -0.49 0.15
N SER A 17 6.95 0.40 -0.20
CA SER A 17 8.38 0.11 -0.14
C SER A 17 8.89 0.17 1.29
N CYS A 18 8.79 1.36 1.89
CA CYS A 18 9.25 1.56 3.27
C CYS A 18 8.06 1.73 4.21
N GLY A 19 7.46 2.91 4.17
CA GLY A 19 6.32 3.19 5.04
C GLY A 19 6.19 4.66 5.36
N ILE A 20 6.45 5.51 4.37
CA ILE A 20 6.36 6.95 4.56
C ILE A 20 4.94 7.36 4.98
N ASN A 21 4.87 8.36 5.85
CA ASN A 21 3.57 8.85 6.34
C ASN A 21 2.90 9.75 5.29
N ILE A 22 2.65 9.17 4.11
CA ILE A 22 2.01 9.91 3.04
C ILE A 22 0.50 9.66 3.01
N ALA A 23 -0.09 9.52 4.20
CA ALA A 23 -1.52 9.28 4.31
C ALA A 23 -2.32 10.48 3.84
N GLY A 24 -3.07 10.30 2.75
CA GLY A 24 -3.87 11.38 2.20
C GLY A 24 -3.02 12.50 1.63
N MET A 25 -1.76 12.20 1.35
CA MET A 25 -0.85 13.19 0.80
C MET A 25 -0.56 12.90 -0.68
N SER A 26 0.37 13.66 -1.26
CA SER A 26 0.72 13.49 -2.66
C SER A 26 1.64 12.30 -2.85
N ALA A 27 1.23 11.36 -3.69
CA ALA A 27 2.03 10.16 -3.95
C ALA A 27 1.36 9.28 -4.99
N ALA A 28 2.11 8.31 -5.51
CA ALA A 28 1.59 7.40 -6.53
C ALA A 28 0.31 6.72 -6.04
N THR A 29 -0.83 7.18 -6.55
CA THR A 29 -2.12 6.62 -6.17
C THR A 29 -2.71 5.78 -7.30
N PHE A 30 -2.79 4.48 -7.07
CA PHE A 30 -3.33 3.56 -8.07
C PHE A 30 -4.22 2.51 -7.41
N LYS A 31 -4.91 1.73 -8.25
CA LYS A 31 -5.80 0.68 -7.74
C LYS A 31 -5.22 -0.70 -8.03
N CYS A 32 -5.07 -1.50 -6.99
CA CYS A 32 -4.54 -2.85 -7.13
C CYS A 32 -5.48 -3.73 -7.94
N PRO A 33 -4.95 -4.35 -9.00
CA PRO A 33 -5.73 -5.23 -9.88
C PRO A 33 -6.11 -6.54 -9.19
N ASP A 34 -5.59 -6.75 -7.99
CA ASP A 34 -5.88 -7.96 -7.22
C ASP A 34 -7.10 -7.75 -6.33
N CYS A 35 -7.06 -6.70 -5.51
CA CYS A 35 -8.16 -6.40 -4.60
C CYS A 35 -8.86 -5.11 -5.01
N GLY A 36 -8.08 -4.09 -5.34
CA GLY A 36 -8.64 -2.81 -5.75
C GLY A 36 -8.53 -1.76 -4.67
N GLN A 37 -7.60 -1.96 -3.73
CA GLN A 37 -7.40 -1.01 -2.64
C GLN A 37 -6.48 0.12 -3.08
N GLU A 38 -6.83 1.34 -2.69
CA GLU A 38 -6.03 2.51 -3.04
C GLU A 38 -4.64 2.43 -2.44
N ILE A 39 -3.63 2.29 -3.29
CA ILE A 39 -2.25 2.20 -2.84
C ILE A 39 -1.52 3.52 -3.01
N SER A 40 -0.89 3.99 -1.94
CA SER A 40 -0.17 5.26 -1.97
C SER A 40 1.32 5.03 -1.71
N ARG A 41 2.13 5.23 -2.76
CA ARG A 41 3.57 5.05 -2.64
C ARG A 41 4.31 6.37 -2.85
N CYS A 42 5.11 6.76 -1.86
CA CYS A 42 5.86 8.01 -1.94
C CYS A 42 6.72 8.05 -3.21
N SER A 43 7.24 9.22 -3.52
CA SER A 43 8.08 9.40 -4.71
C SER A 43 9.16 8.32 -4.76
N LYS A 44 9.65 7.92 -3.59
CA LYS A 44 10.69 6.91 -3.50
C LYS A 44 10.32 5.67 -4.32
N CYS A 45 9.02 5.41 -4.44
CA CYS A 45 8.54 4.26 -5.20
C CYS A 45 9.14 4.23 -6.59
N ARG A 46 9.51 5.41 -7.09
CA ARG A 46 10.10 5.54 -8.42
C ARG A 46 11.23 4.52 -8.61
N LYS A 47 11.96 4.28 -7.53
CA LYS A 47 13.08 3.34 -7.58
C LYS A 47 12.59 1.90 -7.43
N GLN A 48 11.53 1.71 -6.64
CA GLN A 48 10.96 0.39 -6.43
C GLN A 48 10.04 0.00 -7.57
N SER A 49 9.90 0.89 -8.55
CA SER A 49 9.05 0.64 -9.70
C SER A 49 9.41 -0.68 -10.38
N ASN A 50 10.70 -1.01 -10.35
CA ASN A 50 11.19 -2.24 -10.96
C ASN A 50 10.40 -3.44 -10.46
N LEU A 51 10.00 -3.40 -9.19
CA LEU A 51 9.23 -4.48 -8.59
C LEU A 51 8.51 -4.01 -7.34
N TYR A 52 7.19 -4.21 -7.33
CA TYR A 52 6.36 -3.80 -6.19
C TYR A 52 5.50 -4.96 -5.70
N GLU A 53 4.83 -4.74 -4.57
CA GLU A 53 3.97 -5.76 -4.00
C GLU A 53 2.92 -5.13 -3.08
N CYS A 54 1.65 -5.41 -3.37
CA CYS A 54 0.56 -4.87 -2.58
C CYS A 54 0.63 -5.37 -1.13
N PRO A 55 0.91 -4.47 -0.20
CA PRO A 55 1.02 -4.79 1.22
C PRO A 55 -0.33 -5.15 1.84
N ASP A 56 -1.40 -4.88 1.09
CA ASP A 56 -2.75 -5.18 1.57
C ASP A 56 -3.09 -6.65 1.37
N CYS A 57 -3.00 -7.10 0.12
CA CYS A 57 -3.30 -8.50 -0.20
C CYS A 57 -2.01 -9.27 -0.50
N GLY A 58 -0.89 -8.74 -0.04
CA GLY A 58 0.38 -9.40 -0.26
C GLY A 58 0.55 -9.89 -1.69
N PHE A 59 0.12 -9.07 -2.64
CA PHE A 59 0.21 -9.42 -4.05
C PHE A 59 1.50 -8.90 -4.66
N MET A 60 2.42 -9.82 -4.95
CA MET A 60 3.71 -9.46 -5.53
C MET A 60 3.57 -9.23 -7.03
N GLY A 61 4.15 -8.13 -7.51
CA GLY A 61 4.09 -7.81 -8.93
C GLY A 61 5.35 -7.14 -9.42
N PRO A 62 5.42 -6.91 -10.74
CA PRO A 62 6.57 -6.25 -11.38
C PRO A 62 6.68 -4.78 -11.01
N GLY A 1 -3.91 -14.20 21.39
CA GLY A 1 -4.54 -14.44 20.11
C GLY A 1 -4.21 -13.38 19.08
N ALA A 2 -5.19 -13.00 18.27
CA ALA A 2 -4.99 -11.99 17.24
C ALA A 2 -6.31 -11.34 16.85
N MET A 3 -6.35 -10.01 16.91
CA MET A 3 -7.56 -9.27 16.56
C MET A 3 -7.88 -9.42 15.07
N GLY A 4 -9.15 -9.26 14.73
CA GLY A 4 -9.56 -9.39 13.34
C GLY A 4 -9.14 -8.21 12.51
N SER A 5 -7.96 -8.29 11.92
CA SER A 5 -7.44 -7.21 11.08
C SER A 5 -8.43 -6.85 9.98
N GLU A 6 -9.10 -7.86 9.44
CA GLU A 6 -10.08 -7.65 8.38
C GLU A 6 -11.32 -6.94 8.91
N SER A 7 -11.71 -7.30 10.13
CA SER A 7 -12.89 -6.70 10.75
C SER A 7 -12.69 -5.20 10.96
N GLU A 8 -11.59 -4.85 11.62
CA GLU A 8 -11.27 -3.45 11.88
C GLU A 8 -10.85 -2.72 10.61
N GLN A 9 -11.26 -1.46 10.49
CA GLN A 9 -10.92 -0.67 9.31
C GLN A 9 -10.59 0.77 9.71
N ARG A 10 -9.58 1.34 9.06
CA ARG A 10 -9.16 2.71 9.34
C ARG A 10 -8.39 3.29 8.16
N HIS A 11 -8.09 4.59 8.25
CA HIS A 11 -7.37 5.27 7.19
C HIS A 11 -5.88 4.96 7.28
N ALA A 12 -5.52 3.70 7.07
CA ALA A 12 -4.13 3.28 7.12
C ALA A 12 -3.46 3.42 5.77
N HIS A 13 -2.84 4.57 5.54
CA HIS A 13 -2.15 4.83 4.28
C HIS A 13 -0.66 4.97 4.49
N GLN A 14 0.11 4.02 3.97
CA GLN A 14 1.56 4.04 4.10
C GLN A 14 2.23 3.44 2.87
N CYS A 15 3.55 3.62 2.78
CA CYS A 15 4.30 3.09 1.65
C CYS A 15 4.33 1.57 1.68
N VAL A 16 4.21 0.96 0.50
CA VAL A 16 4.21 -0.49 0.38
C VAL A 16 5.61 -1.05 0.63
N SER A 17 6.62 -0.24 0.36
CA SER A 17 8.01 -0.66 0.55
C SER A 17 8.39 -0.60 2.02
N CYS A 18 8.34 0.61 2.59
CA CYS A 18 8.68 0.82 3.99
C CYS A 18 7.45 1.16 4.81
N GLY A 19 6.98 2.39 4.68
CA GLY A 19 5.80 2.82 5.42
C GLY A 19 5.79 4.32 5.66
N ILE A 20 6.23 5.09 4.67
CA ILE A 20 6.27 6.54 4.79
C ILE A 20 4.89 7.10 5.11
N ASN A 21 4.86 8.15 5.92
CA ASN A 21 3.61 8.79 6.29
C ASN A 21 3.04 9.62 5.14
N ILE A 22 2.56 8.94 4.11
CA ILE A 22 2.00 9.62 2.95
C ILE A 22 0.48 9.48 2.91
N ALA A 23 -0.14 9.50 4.08
CA ALA A 23 -1.59 9.37 4.19
C ALA A 23 -2.28 10.66 3.74
N GLY A 24 -3.04 10.56 2.65
CA GLY A 24 -3.75 11.72 2.13
C GLY A 24 -2.81 12.71 1.45
N MET A 25 -1.62 12.24 1.09
CA MET A 25 -0.64 13.09 0.43
C MET A 25 -0.73 12.96 -1.08
N SER A 26 0.15 13.66 -1.79
CA SER A 26 0.16 13.62 -3.25
C SER A 26 1.08 12.50 -3.74
N ALA A 27 0.92 11.31 -3.19
CA ALA A 27 1.73 10.17 -3.58
C ALA A 27 1.02 9.33 -4.64
N ALA A 28 1.71 8.30 -5.14
CA ALA A 28 1.14 7.43 -6.15
C ALA A 28 -0.02 6.61 -5.59
N THR A 29 -1.24 7.05 -5.89
CA THR A 29 -2.44 6.36 -5.42
C THR A 29 -3.15 5.66 -6.56
N PHE A 30 -3.16 4.33 -6.53
CA PHE A 30 -3.81 3.54 -7.56
C PHE A 30 -4.66 2.44 -6.95
N LYS A 31 -5.52 1.83 -7.76
CA LYS A 31 -6.39 0.76 -7.29
C LYS A 31 -5.86 -0.60 -7.73
N CYS A 32 -5.64 -1.48 -6.76
CA CYS A 32 -5.14 -2.82 -7.05
C CYS A 32 -6.15 -3.63 -7.85
N PRO A 33 -5.70 -4.17 -9.00
CA PRO A 33 -6.56 -4.96 -9.88
C PRO A 33 -6.92 -6.32 -9.27
N ASP A 34 -6.31 -6.63 -8.12
CA ASP A 34 -6.58 -7.88 -7.43
C ASP A 34 -7.73 -7.74 -6.44
N CYS A 35 -7.61 -6.75 -5.55
CA CYS A 35 -8.64 -6.50 -4.54
C CYS A 35 -9.34 -5.18 -4.81
N GLY A 36 -8.56 -4.14 -5.11
CA GLY A 36 -9.13 -2.84 -5.38
C GLY A 36 -8.89 -1.86 -4.24
N GLN A 37 -7.88 -2.14 -3.42
CA GLN A 37 -7.55 -1.28 -2.30
C GLN A 37 -6.68 -0.10 -2.74
N GLU A 38 -6.78 1.00 -2.00
CA GLU A 38 -6.00 2.19 -2.32
C GLU A 38 -4.54 2.02 -1.90
N ILE A 39 -3.65 1.97 -2.88
CA ILE A 39 -2.22 1.80 -2.61
C ILE A 39 -1.48 3.12 -2.78
N SER A 40 -0.97 3.66 -1.68
CA SER A 40 -0.24 4.92 -1.70
C SER A 40 1.24 4.68 -1.44
N ARG A 41 2.07 5.06 -2.41
CA ARG A 41 3.51 4.89 -2.29
C ARG A 41 4.22 6.24 -2.37
N CYS A 42 5.29 6.39 -1.60
CA CYS A 42 6.07 7.62 -1.59
C CYS A 42 6.99 7.71 -2.80
N SER A 43 7.45 8.92 -3.10
CA SER A 43 8.33 9.14 -4.24
C SER A 43 9.51 8.17 -4.21
N LYS A 44 10.04 7.94 -3.01
CA LYS A 44 11.17 7.03 -2.85
C LYS A 44 10.86 5.66 -3.47
N CYS A 45 9.60 5.25 -3.39
CA CYS A 45 9.18 3.96 -3.94
C CYS A 45 9.52 3.88 -5.42
N ARG A 46 9.66 5.03 -6.06
CA ARG A 46 9.97 5.08 -7.49
C ARG A 46 11.14 4.17 -7.81
N LYS A 47 12.10 4.08 -6.90
CA LYS A 47 13.28 3.24 -7.08
C LYS A 47 12.94 1.77 -6.85
N GLN A 48 12.05 1.52 -5.88
CA GLN A 48 11.64 0.15 -5.56
C GLN A 48 10.57 -0.34 -6.52
N SER A 49 10.18 0.52 -7.45
CA SER A 49 9.15 0.18 -8.43
C SER A 49 9.51 -1.10 -9.18
N ASN A 50 10.81 -1.38 -9.27
CA ASN A 50 11.29 -2.58 -9.96
C ASN A 50 10.58 -3.82 -9.43
N LEU A 51 10.21 -3.78 -8.15
CA LEU A 51 9.52 -4.91 -7.52
C LEU A 51 8.67 -4.44 -6.35
N TYR A 52 7.35 -4.60 -6.48
CA TYR A 52 6.43 -4.19 -5.43
C TYR A 52 5.49 -5.34 -5.07
N GLU A 53 4.70 -5.13 -4.02
CA GLU A 53 3.75 -6.14 -3.57
C GLU A 53 2.62 -5.51 -2.75
N CYS A 54 1.39 -5.69 -3.21
CA CYS A 54 0.23 -5.14 -2.53
C CYS A 54 0.14 -5.65 -1.10
N PRO A 55 0.35 -4.75 -0.13
CA PRO A 55 0.31 -5.08 1.29
C PRO A 55 -1.10 -5.41 1.77
N ASP A 56 -2.08 -5.14 0.91
CA ASP A 56 -3.48 -5.40 1.24
C ASP A 56 -3.83 -6.87 1.02
N CYS A 57 -3.56 -7.36 -0.20
CA CYS A 57 -3.85 -8.74 -0.54
C CYS A 57 -2.57 -9.52 -0.78
N GLY A 58 -1.47 -9.03 -0.21
CA GLY A 58 -0.19 -9.69 -0.38
C GLY A 58 0.06 -10.13 -1.81
N PHE A 59 -0.29 -9.27 -2.75
CA PHE A 59 -0.10 -9.57 -4.17
C PHE A 59 1.25 -9.06 -4.67
N MET A 60 2.19 -9.97 -4.85
CA MET A 60 3.53 -9.61 -5.32
C MET A 60 3.52 -9.35 -6.82
N GLY A 61 4.10 -8.22 -7.22
CA GLY A 61 4.13 -7.87 -8.63
C GLY A 61 5.42 -7.16 -9.01
N PRO A 62 5.63 -6.97 -10.32
CA PRO A 62 6.83 -6.30 -10.84
C PRO A 62 6.84 -4.81 -10.52
N GLY A 1 -4.48 2.08 27.22
CA GLY A 1 -5.22 3.32 27.11
C GLY A 1 -6.46 3.19 26.24
N ALA A 2 -7.24 2.14 26.49
CA ALA A 2 -8.46 1.89 25.73
C ALA A 2 -8.17 1.88 24.23
N MET A 3 -7.05 1.27 23.84
CA MET A 3 -6.68 1.19 22.44
C MET A 3 -7.27 -0.05 21.78
N GLY A 4 -7.74 0.10 20.55
CA GLY A 4 -8.32 -1.01 19.83
C GLY A 4 -7.81 -1.11 18.41
N SER A 5 -6.51 -1.30 18.26
CA SER A 5 -5.90 -1.42 16.94
C SER A 5 -5.83 -2.88 16.50
N GLU A 6 -5.52 -3.76 17.44
CA GLU A 6 -5.41 -5.18 17.15
C GLU A 6 -6.80 -5.81 16.99
N SER A 7 -7.74 -5.34 17.79
CA SER A 7 -9.11 -5.85 17.75
C SER A 7 -9.74 -5.61 16.37
N GLU A 8 -9.69 -4.36 15.92
CA GLU A 8 -10.25 -4.00 14.63
C GLU A 8 -9.41 -2.92 13.95
N GLN A 9 -9.68 -2.67 12.67
CA GLN A 9 -8.95 -1.66 11.91
C GLN A 9 -9.90 -0.83 11.06
N ARG A 10 -9.33 0.01 10.21
CA ARG A 10 -10.13 0.87 9.34
C ARG A 10 -9.66 0.76 7.89
N HIS A 11 -8.52 1.36 7.58
CA HIS A 11 -7.97 1.33 6.23
C HIS A 11 -6.72 0.44 6.18
N ALA A 12 -6.78 -0.59 5.35
CA ALA A 12 -5.66 -1.51 5.19
C ALA A 12 -4.70 -1.04 4.10
N HIS A 13 -4.38 0.25 4.12
CA HIS A 13 -3.48 0.83 3.13
C HIS A 13 -2.05 0.88 3.67
N GLN A 14 -1.17 0.11 3.05
CA GLN A 14 0.23 0.07 3.47
C GLN A 14 1.16 0.08 2.26
N CYS A 15 2.45 0.30 2.51
CA CYS A 15 3.44 0.34 1.44
C CYS A 15 3.68 -1.07 0.88
N VAL A 16 3.80 -1.15 -0.44
CA VAL A 16 4.03 -2.43 -1.11
C VAL A 16 5.46 -2.91 -0.90
N SER A 17 6.37 -1.97 -0.65
CA SER A 17 7.77 -2.29 -0.44
C SER A 17 7.99 -2.82 0.98
N CYS A 18 7.41 -2.13 1.96
CA CYS A 18 7.54 -2.53 3.35
C CYS A 18 6.18 -2.66 4.01
N GLY A 19 5.56 -1.51 4.34
CA GLY A 19 4.26 -1.52 4.97
C GLY A 19 4.03 -0.30 5.84
N ILE A 20 4.48 0.85 5.35
CA ILE A 20 4.32 2.11 6.09
C ILE A 20 2.85 2.40 6.36
N ASN A 21 2.57 2.96 7.53
CA ASN A 21 1.21 3.29 7.90
C ASN A 21 0.74 4.57 7.20
N ILE A 22 0.69 4.51 5.87
CA ILE A 22 0.25 5.66 5.08
C ILE A 22 -1.20 5.53 4.66
N ALA A 23 -2.01 4.97 5.55
CA ALA A 23 -3.43 4.78 5.28
C ALA A 23 -4.13 6.12 5.10
N GLY A 24 -4.66 6.35 3.89
CA GLY A 24 -5.34 7.60 3.62
C GLY A 24 -4.41 8.79 3.61
N MET A 25 -3.11 8.52 3.49
CA MET A 25 -2.11 9.58 3.47
C MET A 25 -1.95 10.16 2.06
N SER A 26 -1.06 11.13 1.93
CA SER A 26 -0.81 11.76 0.64
C SER A 26 0.34 11.07 -0.09
N ALA A 27 0.31 9.75 -0.10
CA ALA A 27 1.34 8.95 -0.76
C ALA A 27 0.92 8.59 -2.18
N ALA A 28 1.87 8.12 -2.98
CA ALA A 28 1.60 7.73 -4.36
C ALA A 28 0.52 6.64 -4.42
N THR A 29 -0.70 7.06 -4.73
CA THR A 29 -1.82 6.14 -4.82
C THR A 29 -2.23 5.91 -6.27
N PHE A 30 -2.50 4.66 -6.62
CA PHE A 30 -2.90 4.32 -7.97
C PHE A 30 -3.79 3.07 -7.98
N LYS A 31 -4.29 2.71 -9.16
CA LYS A 31 -5.14 1.53 -9.31
C LYS A 31 -4.45 0.46 -10.15
N CYS A 32 -4.34 -0.74 -9.58
CA CYS A 32 -3.70 -1.85 -10.27
C CYS A 32 -4.52 -2.26 -11.49
N PRO A 33 -3.86 -2.29 -12.66
CA PRO A 33 -4.51 -2.66 -13.93
C PRO A 33 -4.86 -4.15 -13.98
N ASP A 34 -4.41 -4.90 -12.97
CA ASP A 34 -4.68 -6.32 -12.91
C ASP A 34 -5.99 -6.60 -12.17
N CYS A 35 -6.10 -6.06 -10.96
CA CYS A 35 -7.30 -6.25 -10.15
C CYS A 35 -8.05 -4.93 -9.97
N GLY A 36 -7.30 -3.87 -9.68
CA GLY A 36 -7.91 -2.57 -9.48
C GLY A 36 -7.99 -2.18 -8.02
N GLN A 37 -7.16 -2.81 -7.19
CA GLN A 37 -7.14 -2.52 -5.75
C GLN A 37 -6.29 -1.30 -5.46
N GLU A 38 -6.88 -0.31 -4.80
CA GLU A 38 -6.17 0.91 -4.44
C GLU A 38 -4.86 0.60 -3.74
N ILE A 39 -3.75 0.91 -4.41
CA ILE A 39 -2.43 0.66 -3.85
C ILE A 39 -1.83 1.94 -3.26
N SER A 40 -1.25 1.82 -2.07
CA SER A 40 -0.65 2.96 -1.40
C SER A 40 0.87 2.79 -1.29
N ARG A 41 1.61 3.65 -1.99
CA ARG A 41 3.07 3.59 -1.98
C ARG A 41 3.65 4.85 -1.36
N CYS A 42 4.39 4.67 -0.26
CA CYS A 42 5.01 5.80 0.43
C CYS A 42 6.07 6.46 -0.45
N SER A 43 6.47 7.67 -0.06
CA SER A 43 7.48 8.41 -0.82
C SER A 43 8.71 7.55 -1.08
N LYS A 44 9.15 6.83 -0.05
CA LYS A 44 10.32 5.96 -0.17
C LYS A 44 10.15 4.99 -1.34
N CYS A 45 8.91 4.57 -1.59
CA CYS A 45 8.63 3.64 -2.67
C CYS A 45 9.01 4.24 -4.01
N ARG A 46 9.02 5.56 -4.09
CA ARG A 46 9.37 6.26 -5.32
C ARG A 46 10.66 5.71 -5.91
N LYS A 47 11.60 5.34 -5.03
CA LYS A 47 12.87 4.80 -5.45
C LYS A 47 12.74 3.36 -5.90
N GLN A 48 11.87 2.61 -5.23
CA GLN A 48 11.63 1.22 -5.55
C GLN A 48 10.67 1.07 -6.73
N SER A 49 10.22 2.21 -7.25
CA SER A 49 9.28 2.22 -8.37
C SER A 49 9.84 1.42 -9.54
N ASN A 50 11.16 1.41 -9.66
CA ASN A 50 11.83 0.67 -10.73
C ASN A 50 11.33 -0.76 -10.82
N LEU A 51 10.95 -1.31 -9.67
CA LEU A 51 10.45 -2.68 -9.60
C LEU A 51 9.51 -2.87 -8.41
N TYR A 52 8.21 -2.85 -8.68
CA TYR A 52 7.22 -3.02 -7.62
C TYR A 52 6.44 -4.32 -7.80
N GLU A 53 5.52 -4.59 -6.89
CA GLU A 53 4.71 -5.80 -6.95
C GLU A 53 3.42 -5.63 -6.15
N CYS A 54 2.29 -5.74 -6.85
CA CYS A 54 0.99 -5.61 -6.21
C CYS A 54 0.78 -6.67 -5.14
N PRO A 55 0.74 -6.22 -3.86
CA PRO A 55 0.56 -7.11 -2.72
C PRO A 55 -0.84 -7.72 -2.67
N ASP A 56 -1.74 -7.19 -3.50
CA ASP A 56 -3.11 -7.66 -3.56
C ASP A 56 -3.21 -8.93 -4.40
N CYS A 57 -2.79 -8.83 -5.65
CA CYS A 57 -2.84 -9.97 -6.57
C CYS A 57 -1.44 -10.48 -6.86
N GLY A 58 -0.51 -10.20 -5.96
CA GLY A 58 0.86 -10.64 -6.15
C GLY A 58 1.36 -10.42 -7.57
N PHE A 59 1.02 -9.27 -8.13
CA PHE A 59 1.43 -8.95 -9.50
C PHE A 59 2.77 -8.20 -9.51
N MET A 60 3.84 -8.91 -9.84
CA MET A 60 5.17 -8.32 -9.89
C MET A 60 5.37 -7.52 -11.17
N GLY A 61 5.67 -6.24 -11.02
CA GLY A 61 5.88 -5.39 -12.18
C GLY A 61 7.11 -4.50 -12.04
N PRO A 62 7.38 -3.69 -13.07
CA PRO A 62 8.53 -2.78 -13.08
C PRO A 62 8.36 -1.63 -12.09
N GLY A 1 2.43 -6.86 21.64
CA GLY A 1 1.16 -6.62 21.01
C GLY A 1 0.45 -7.90 20.61
N ALA A 2 -0.81 -7.77 20.20
CA ALA A 2 -1.60 -8.93 19.79
C ALA A 2 -1.72 -9.00 18.27
N MET A 3 -1.87 -10.22 17.75
CA MET A 3 -2.00 -10.41 16.32
C MET A 3 -3.42 -10.11 15.85
N GLY A 4 -3.55 -9.21 14.87
CA GLY A 4 -4.86 -8.86 14.36
C GLY A 4 -4.78 -7.91 13.18
N SER A 5 -4.83 -8.46 11.97
CA SER A 5 -4.76 -7.66 10.75
C SER A 5 -6.16 -7.30 10.25
N GLU A 6 -7.06 -8.29 10.26
CA GLU A 6 -8.42 -8.08 9.81
C GLU A 6 -9.22 -7.29 10.84
N SER A 7 -9.05 -7.64 12.11
CA SER A 7 -9.76 -6.96 13.19
C SER A 7 -9.55 -5.46 13.12
N GLU A 8 -8.33 -5.05 12.76
CA GLU A 8 -8.01 -3.63 12.65
C GLU A 8 -8.74 -3.00 11.49
N GLN A 9 -8.91 -1.67 11.56
CA GLN A 9 -9.60 -0.94 10.50
C GLN A 9 -8.65 -0.61 9.36
N ARG A 10 -9.20 -0.07 8.28
CA ARG A 10 -8.40 0.30 7.11
C ARG A 10 -8.72 1.71 6.64
N HIS A 11 -8.39 2.68 7.49
CA HIS A 11 -8.65 4.09 7.17
C HIS A 11 -7.36 4.91 7.26
N ALA A 12 -6.31 4.42 6.61
CA ALA A 12 -5.03 5.11 6.61
C ALA A 12 -4.19 4.73 5.39
N HIS A 13 -3.89 5.72 4.55
CA HIS A 13 -3.10 5.49 3.34
C HIS A 13 -1.61 5.56 3.66
N GLN A 14 -0.95 4.40 3.69
CA GLN A 14 0.47 4.32 3.97
C GLN A 14 1.23 3.69 2.81
N CYS A 15 2.55 3.80 2.85
CA CYS A 15 3.39 3.23 1.80
C CYS A 15 3.37 1.71 1.84
N VAL A 16 3.26 1.09 0.67
CA VAL A 16 3.22 -0.37 0.57
C VAL A 16 4.57 -0.97 0.92
N SER A 17 5.64 -0.20 0.72
CA SER A 17 6.99 -0.67 1.01
C SER A 17 7.27 -0.61 2.51
N CYS A 18 7.22 0.61 3.06
CA CYS A 18 7.47 0.81 4.49
C CYS A 18 6.18 1.17 5.21
N GLY A 19 5.75 2.43 5.05
CA GLY A 19 4.54 2.88 5.70
C GLY A 19 4.54 4.37 5.95
N ILE A 20 5.08 5.13 5.01
CA ILE A 20 5.14 6.59 5.14
C ILE A 20 3.74 7.18 5.30
N ASN A 21 3.65 8.23 6.12
CA ASN A 21 2.38 8.89 6.37
C ASN A 21 2.00 9.80 5.20
N ILE A 22 1.86 9.20 4.02
CA ILE A 22 1.49 9.95 2.83
C ILE A 22 0.00 9.87 2.55
N ALA A 23 -0.80 9.84 3.61
CA ALA A 23 -2.24 9.75 3.49
C ALA A 23 -2.82 11.03 2.91
N GLY A 24 -3.38 10.95 1.72
CA GLY A 24 -3.97 12.11 1.07
C GLY A 24 -2.92 13.14 0.68
N MET A 25 -1.66 12.70 0.61
CA MET A 25 -0.57 13.59 0.24
C MET A 25 -0.05 13.25 -1.15
N SER A 26 1.04 13.91 -1.54
CA SER A 26 1.64 13.68 -2.86
C SER A 26 2.44 12.38 -2.88
N ALA A 27 2.06 11.48 -3.77
CA ALA A 27 2.74 10.19 -3.90
C ALA A 27 2.15 9.37 -5.03
N ALA A 28 2.90 8.37 -5.48
CA ALA A 28 2.44 7.50 -6.56
C ALA A 28 1.08 6.90 -6.24
N THR A 29 0.03 7.46 -6.84
CA THR A 29 -1.32 6.97 -6.61
C THR A 29 -1.85 6.24 -7.84
N PHE A 30 -2.24 4.98 -7.63
CA PHE A 30 -2.76 4.15 -8.73
C PHE A 30 -3.84 3.20 -8.21
N LYS A 31 -4.43 2.44 -9.14
CA LYS A 31 -5.48 1.49 -8.78
C LYS A 31 -5.02 0.06 -9.07
N CYS A 32 -5.09 -0.79 -8.05
CA CYS A 32 -4.68 -2.18 -8.19
C CYS A 32 -5.61 -2.93 -9.16
N PRO A 33 -5.01 -3.54 -10.18
CA PRO A 33 -5.77 -4.29 -11.20
C PRO A 33 -6.37 -5.58 -10.64
N ASP A 34 -6.01 -5.91 -9.40
CA ASP A 34 -6.50 -7.11 -8.75
C ASP A 34 -7.81 -6.82 -8.01
N CYS A 35 -7.78 -5.83 -7.13
CA CYS A 35 -8.96 -5.46 -6.36
C CYS A 35 -9.46 -4.08 -6.75
N GLY A 36 -8.54 -3.14 -6.91
CA GLY A 36 -8.91 -1.78 -7.29
C GLY A 36 -8.84 -0.81 -6.13
N GLN A 37 -8.07 -1.18 -5.10
CA GLN A 37 -7.91 -0.32 -3.93
C GLN A 37 -6.84 0.74 -4.17
N GLU A 38 -7.23 2.00 -4.00
CA GLU A 38 -6.31 3.11 -4.20
C GLU A 38 -5.03 2.91 -3.40
N ILE A 39 -3.92 2.71 -4.10
CA ILE A 39 -2.63 2.49 -3.45
C ILE A 39 -1.80 3.77 -3.45
N SER A 40 -1.19 4.07 -2.31
CA SER A 40 -0.36 5.26 -2.17
C SER A 40 1.05 4.90 -1.74
N ARG A 41 2.00 5.01 -2.67
CA ARG A 41 3.39 4.70 -2.37
C ARG A 41 4.27 5.94 -2.49
N CYS A 42 4.96 6.28 -1.41
CA CYS A 42 5.83 7.44 -1.40
C CYS A 42 6.85 7.38 -2.54
N SER A 43 7.49 8.51 -2.81
CA SER A 43 8.48 8.57 -3.89
C SER A 43 9.50 7.44 -3.76
N LYS A 44 9.79 7.06 -2.52
CA LYS A 44 10.74 5.99 -2.25
C LYS A 44 10.40 4.75 -3.07
N CYS A 45 9.13 4.54 -3.32
CA CYS A 45 8.66 3.39 -4.10
C CYS A 45 9.40 3.31 -5.43
N ARG A 46 9.89 4.44 -5.90
CA ARG A 46 10.61 4.50 -7.17
C ARG A 46 11.66 3.40 -7.25
N LYS A 47 12.34 3.16 -6.14
CA LYS A 47 13.37 2.13 -6.08
C LYS A 47 12.75 0.74 -5.86
N GLN A 48 11.62 0.72 -5.14
CA GLN A 48 10.93 -0.54 -4.86
C GLN A 48 10.11 -0.99 -6.05
N SER A 49 10.12 -0.18 -7.12
CA SER A 49 9.38 -0.49 -8.33
C SER A 49 9.75 -1.88 -8.86
N ASN A 50 11.02 -2.24 -8.70
CA ASN A 50 11.51 -3.53 -9.15
C ASN A 50 10.64 -4.67 -8.63
N LEU A 51 10.13 -4.49 -7.41
CA LEU A 51 9.27 -5.50 -6.80
C LEU A 51 8.34 -4.87 -5.77
N TYR A 52 7.04 -4.95 -6.03
CA TYR A 52 6.05 -4.38 -5.13
C TYR A 52 4.98 -5.41 -4.78
N GLU A 53 4.08 -5.05 -3.87
CA GLU A 53 3.02 -5.94 -3.45
C GLU A 53 1.85 -5.16 -2.85
N CYS A 54 0.64 -5.49 -3.28
CA CYS A 54 -0.56 -4.81 -2.79
C CYS A 54 -0.90 -5.28 -1.38
N PRO A 55 -0.79 -4.37 -0.40
CA PRO A 55 -1.08 -4.66 1.00
C PRO A 55 -2.57 -4.88 1.25
N ASP A 56 -3.38 -4.54 0.26
CA ASP A 56 -4.83 -4.70 0.36
C ASP A 56 -5.24 -6.15 0.09
N CYS A 57 -4.88 -6.65 -1.09
CA CYS A 57 -5.21 -8.01 -1.47
C CYS A 57 -3.97 -8.90 -1.46
N GLY A 58 -2.95 -8.48 -0.70
CA GLY A 58 -1.73 -9.24 -0.62
C GLY A 58 -1.27 -9.76 -1.97
N PHE A 59 -1.37 -8.91 -2.98
CA PHE A 59 -0.97 -9.30 -4.34
C PHE A 59 0.49 -8.93 -4.59
N MET A 60 1.35 -9.94 -4.61
CA MET A 60 2.77 -9.73 -4.84
C MET A 60 3.07 -9.65 -6.33
N GLY A 61 3.67 -8.53 -6.76
CA GLY A 61 3.99 -8.36 -8.16
C GLY A 61 5.40 -7.81 -8.36
N PRO A 62 5.79 -7.64 -9.64
CA PRO A 62 7.11 -7.12 -9.99
C PRO A 62 7.27 -5.65 -9.64
N GLY A 1 -14.30 -9.15 27.42
CA GLY A 1 -14.89 -9.02 26.10
C GLY A 1 -14.81 -10.30 25.30
N ALA A 2 -14.67 -10.16 23.98
CA ALA A 2 -14.58 -11.32 23.09
C ALA A 2 -13.74 -11.00 21.87
N MET A 3 -13.33 -12.04 21.15
CA MET A 3 -12.51 -11.88 19.95
C MET A 3 -13.33 -11.23 18.84
N GLY A 4 -12.63 -10.53 17.94
CA GLY A 4 -13.31 -9.87 16.84
C GLY A 4 -12.72 -8.51 16.52
N SER A 5 -12.85 -7.57 17.45
CA SER A 5 -12.32 -6.22 17.25
C SER A 5 -10.81 -6.26 17.02
N GLU A 6 -10.11 -7.03 17.84
CA GLU A 6 -8.67 -7.15 17.73
C GLU A 6 -8.27 -7.71 16.36
N SER A 7 -9.08 -8.64 15.85
CA SER A 7 -8.81 -9.25 14.56
C SER A 7 -8.97 -8.24 13.43
N GLU A 8 -10.06 -7.49 13.47
CA GLU A 8 -10.33 -6.48 12.45
C GLU A 8 -9.28 -5.37 12.49
N GLN A 9 -9.06 -4.72 11.35
CA GLN A 9 -8.09 -3.64 11.27
C GLN A 9 -8.63 -2.48 10.43
N ARG A 10 -7.81 -1.45 10.26
CA ARG A 10 -8.20 -0.28 9.48
C ARG A 10 -7.24 -0.04 8.33
N HIS A 11 -7.55 0.95 7.51
CA HIS A 11 -6.70 1.28 6.36
C HIS A 11 -5.36 1.84 6.82
N ALA A 12 -4.50 2.15 5.86
CA ALA A 12 -3.18 2.69 6.16
C ALA A 12 -2.41 3.00 4.88
N HIS A 13 -2.28 4.28 4.56
CA HIS A 13 -1.56 4.71 3.36
C HIS A 13 -0.07 4.88 3.65
N GLN A 14 0.73 3.95 3.15
CA GLN A 14 2.17 4.00 3.35
C GLN A 14 2.92 3.47 2.13
N CYS A 15 4.23 3.68 2.11
CA CYS A 15 5.05 3.23 0.99
C CYS A 15 5.11 1.71 0.95
N VAL A 16 4.86 1.15 -0.23
CA VAL A 16 4.88 -0.30 -0.42
C VAL A 16 6.27 -0.86 -0.21
N SER A 17 7.28 -0.03 -0.44
CA SER A 17 8.67 -0.44 -0.28
C SER A 17 9.07 -0.46 1.19
N CYS A 18 9.01 0.71 1.83
CA CYS A 18 9.36 0.83 3.23
C CYS A 18 8.12 1.08 4.09
N GLY A 19 7.62 2.31 4.04
CA GLY A 19 6.43 2.66 4.81
C GLY A 19 6.40 4.13 5.20
N ILE A 20 6.83 4.98 4.28
CA ILE A 20 6.85 6.42 4.53
C ILE A 20 5.46 6.95 4.85
N ASN A 21 5.39 7.91 5.76
CA ASN A 21 4.11 8.50 6.16
C ASN A 21 3.58 9.43 5.07
N ILE A 22 3.11 8.85 3.97
CA ILE A 22 2.57 9.62 2.87
C ILE A 22 1.06 9.46 2.77
N ALA A 23 0.40 9.35 3.92
CA ALA A 23 -1.04 9.21 3.97
C ALA A 23 -1.74 10.51 3.60
N GLY A 24 -2.46 10.48 2.48
CA GLY A 24 -3.17 11.68 2.03
C GLY A 24 -2.23 12.74 1.48
N MET A 25 -1.01 12.33 1.14
CA MET A 25 -0.02 13.25 0.60
C MET A 25 -0.09 13.30 -0.92
N SER A 26 0.83 14.05 -1.53
CA SER A 26 0.85 14.19 -2.98
C SER A 26 1.79 13.15 -3.60
N ALA A 27 1.68 11.92 -3.13
CA ALA A 27 2.50 10.83 -3.63
C ALA A 27 1.78 10.05 -4.73
N ALA A 28 2.51 9.18 -5.41
CA ALA A 28 1.94 8.38 -6.49
C ALA A 28 0.92 7.37 -5.94
N THR A 29 -0.32 7.48 -6.41
CA THR A 29 -1.38 6.59 -5.96
C THR A 29 -1.99 5.82 -7.13
N PHE A 30 -2.24 4.54 -6.93
CA PHE A 30 -2.82 3.70 -7.97
C PHE A 30 -3.65 2.57 -7.36
N LYS A 31 -4.71 2.19 -8.05
CA LYS A 31 -5.59 1.12 -7.58
C LYS A 31 -5.10 -0.24 -8.07
N CYS A 32 -4.90 -1.17 -7.14
CA CYS A 32 -4.44 -2.51 -7.49
C CYS A 32 -5.49 -3.25 -8.31
N PRO A 33 -5.08 -3.74 -9.48
CA PRO A 33 -5.96 -4.47 -10.39
C PRO A 33 -6.34 -5.85 -9.84
N ASP A 34 -5.72 -6.22 -8.73
CA ASP A 34 -5.99 -7.51 -8.10
C ASP A 34 -7.13 -7.40 -7.08
N CYS A 35 -6.98 -6.47 -6.13
CA CYS A 35 -7.99 -6.26 -5.11
C CYS A 35 -8.68 -4.92 -5.30
N GLY A 36 -7.90 -3.88 -5.57
CA GLY A 36 -8.45 -2.56 -5.77
C GLY A 36 -8.25 -1.65 -4.57
N GLN A 37 -7.27 -2.00 -3.72
CA GLN A 37 -6.98 -1.22 -2.53
C GLN A 37 -6.07 -0.04 -2.87
N GLU A 38 -6.51 1.16 -2.51
CA GLU A 38 -5.75 2.37 -2.77
C GLU A 38 -4.31 2.22 -2.26
N ILE A 39 -3.36 2.19 -3.19
CA ILE A 39 -1.95 2.06 -2.84
C ILE A 39 -1.25 3.41 -2.86
N SER A 40 -0.44 3.67 -1.83
CA SER A 40 0.29 4.92 -1.73
C SER A 40 1.79 4.69 -1.90
N ARG A 41 2.37 5.31 -2.92
CA ARG A 41 3.79 5.17 -3.19
C ARG A 41 4.50 6.51 -3.03
N CYS A 42 5.56 6.53 -2.22
CA CYS A 42 6.33 7.74 -1.99
C CYS A 42 7.15 8.12 -3.22
N SER A 43 7.59 9.37 -3.27
CA SER A 43 8.37 9.86 -4.40
C SER A 43 9.55 8.94 -4.68
N LYS A 44 10.15 8.41 -3.62
CA LYS A 44 11.29 7.51 -3.75
C LYS A 44 10.88 6.19 -4.39
N CYS A 45 9.66 5.76 -4.11
CA CYS A 45 9.14 4.51 -4.66
C CYS A 45 9.22 4.53 -6.19
N ARG A 46 9.23 5.71 -6.77
CA ARG A 46 9.31 5.86 -8.22
C ARG A 46 10.46 5.02 -8.78
N LYS A 47 11.55 4.96 -8.03
CA LYS A 47 12.73 4.21 -8.45
C LYS A 47 12.49 2.71 -8.28
N GLN A 48 11.74 2.34 -7.25
CA GLN A 48 11.45 0.94 -6.97
C GLN A 48 10.31 0.44 -7.86
N SER A 49 9.79 1.33 -8.70
CA SER A 49 8.69 0.97 -9.60
C SER A 49 9.04 -0.26 -10.43
N ASN A 50 10.33 -0.43 -10.72
CA ASN A 50 10.79 -1.57 -11.51
C ASN A 50 10.28 -2.88 -10.91
N LEU A 51 10.07 -2.89 -9.61
CA LEU A 51 9.58 -4.09 -8.92
C LEU A 51 8.84 -3.71 -7.64
N TYR A 52 7.53 -3.61 -7.74
CA TYR A 52 6.69 -3.25 -6.58
C TYR A 52 5.92 -4.47 -6.07
N GLU A 53 5.18 -4.28 -4.99
CA GLU A 53 4.41 -5.36 -4.40
C GLU A 53 3.27 -4.81 -3.53
N CYS A 54 2.04 -5.08 -3.94
CA CYS A 54 0.87 -4.61 -3.21
C CYS A 54 0.89 -5.12 -1.77
N PRO A 55 1.08 -4.19 -0.81
CA PRO A 55 1.13 -4.52 0.61
C PRO A 55 -0.24 -4.93 1.15
N ASP A 56 -1.27 -4.75 0.34
CA ASP A 56 -2.63 -5.10 0.74
C ASP A 56 -2.89 -6.59 0.53
N CYS A 57 -2.68 -7.05 -0.71
CA CYS A 57 -2.89 -8.45 -1.04
C CYS A 57 -1.56 -9.15 -1.34
N GLY A 58 -0.48 -8.58 -0.81
CA GLY A 58 0.84 -9.16 -1.03
C GLY A 58 1.06 -9.58 -2.47
N PHE A 59 0.62 -8.74 -3.41
CA PHE A 59 0.77 -9.04 -4.83
C PHE A 59 2.05 -8.43 -5.38
N MET A 60 3.06 -9.27 -5.57
CA MET A 60 4.35 -8.82 -6.10
C MET A 60 4.28 -8.63 -7.61
N GLY A 61 4.58 -7.42 -8.06
CA GLY A 61 4.54 -7.13 -9.48
C GLY A 61 5.76 -6.35 -9.94
N PRO A 62 5.84 -6.10 -11.26
CA PRO A 62 6.95 -5.35 -11.85
C PRO A 62 6.93 -3.87 -11.48
N GLY A 1 7.93 -7.64 9.23
CA GLY A 1 7.36 -8.03 10.51
C GLY A 1 5.98 -8.63 10.38
N ALA A 2 5.20 -8.56 11.46
CA ALA A 2 3.85 -9.10 11.46
C ALA A 2 2.81 -7.99 11.42
N MET A 3 2.07 -7.92 10.31
CA MET A 3 1.04 -6.90 10.15
C MET A 3 -0.25 -7.31 10.85
N GLY A 4 -0.90 -6.34 11.49
CA GLY A 4 -2.13 -6.62 12.19
C GLY A 4 -3.35 -6.09 11.46
N SER A 5 -4.51 -6.65 11.75
CA SER A 5 -5.76 -6.24 11.11
C SER A 5 -6.60 -5.40 12.06
N GLU A 6 -6.97 -5.98 13.19
CA GLU A 6 -7.79 -5.28 14.18
C GLU A 6 -7.02 -4.09 14.76
N SER A 7 -5.75 -4.30 15.08
CA SER A 7 -4.92 -3.25 15.64
C SER A 7 -4.81 -2.06 14.69
N GLU A 8 -4.42 -2.33 13.44
CA GLU A 8 -4.29 -1.29 12.44
C GLU A 8 -5.61 -0.57 12.22
N GLN A 9 -5.54 0.68 11.78
CA GLN A 9 -6.73 1.48 11.53
C GLN A 9 -7.61 0.84 10.45
N ARG A 10 -8.72 1.50 10.13
CA ARG A 10 -9.63 0.98 9.12
C ARG A 10 -9.63 1.89 7.89
N HIS A 11 -9.46 3.19 8.11
CA HIS A 11 -9.44 4.15 7.01
C HIS A 11 -8.14 4.94 7.01
N ALA A 12 -7.19 4.52 6.18
CA ALA A 12 -5.89 5.19 6.09
C ALA A 12 -5.03 4.55 5.02
N HIS A 13 -4.62 5.35 4.03
CA HIS A 13 -3.79 4.87 2.94
C HIS A 13 -2.31 4.89 3.34
N GLN A 14 -1.77 3.72 3.64
CA GLN A 14 -0.37 3.61 4.04
C GLN A 14 0.47 3.02 2.91
N CYS A 15 1.78 3.08 3.06
CA CYS A 15 2.70 2.55 2.05
C CYS A 15 2.64 1.03 2.01
N VAL A 16 2.64 0.48 0.80
CA VAL A 16 2.59 -0.97 0.62
C VAL A 16 3.89 -1.63 1.05
N SER A 17 4.98 -0.87 0.97
CA SER A 17 6.29 -1.38 1.35
C SER A 17 6.45 -1.40 2.87
N CYS A 18 6.37 -0.22 3.48
CA CYS A 18 6.51 -0.10 4.92
C CYS A 18 5.17 0.25 5.56
N GLY A 19 4.77 1.51 5.43
CA GLY A 19 3.51 1.95 6.00
C GLY A 19 3.53 3.43 6.36
N ILE A 20 4.14 4.23 5.50
CA ILE A 20 4.22 5.67 5.73
C ILE A 20 2.83 6.28 5.89
N ASN A 21 2.72 7.27 6.77
CA ASN A 21 1.44 7.94 7.01
C ASN A 21 1.13 8.92 5.89
N ILE A 22 1.02 8.41 4.68
CA ILE A 22 0.71 9.24 3.52
C ILE A 22 -0.77 9.15 3.15
N ALA A 23 -1.62 9.03 4.16
CA ALA A 23 -3.06 8.94 3.95
C ALA A 23 -3.66 10.32 3.70
N GLY A 24 -4.17 10.53 2.49
CA GLY A 24 -4.78 11.81 2.15
C GLY A 24 -3.76 12.93 2.10
N MET A 25 -2.48 12.57 2.00
CA MET A 25 -1.41 13.56 1.94
C MET A 25 -0.90 13.73 0.52
N SER A 26 -0.10 12.76 0.06
CA SER A 26 0.46 12.80 -1.28
C SER A 26 1.30 11.56 -1.55
N ALA A 27 0.99 10.87 -2.65
CA ALA A 27 1.73 9.66 -3.02
C ALA A 27 1.19 9.08 -4.32
N ALA A 28 1.95 8.16 -4.91
CA ALA A 28 1.55 7.53 -6.17
C ALA A 28 0.28 6.71 -5.99
N THR A 29 -0.83 7.24 -6.49
CA THR A 29 -2.12 6.55 -6.38
C THR A 29 -2.47 5.84 -7.68
N PHE A 30 -2.48 4.51 -7.63
CA PHE A 30 -2.81 3.70 -8.80
C PHE A 30 -3.89 2.68 -8.48
N LYS A 31 -4.59 2.22 -9.51
CA LYS A 31 -5.64 1.23 -9.34
C LYS A 31 -5.14 -0.17 -9.64
N CYS A 32 -5.26 -1.06 -8.65
CA CYS A 32 -4.82 -2.45 -8.82
C CYS A 32 -5.64 -3.17 -9.88
N PRO A 33 -4.96 -3.77 -10.86
CA PRO A 33 -5.61 -4.50 -11.95
C PRO A 33 -6.25 -5.80 -11.47
N ASP A 34 -6.01 -6.14 -10.21
CA ASP A 34 -6.55 -7.36 -9.63
C ASP A 34 -7.91 -7.09 -8.97
N CYS A 35 -7.93 -6.11 -8.08
CA CYS A 35 -9.16 -5.75 -7.38
C CYS A 35 -9.64 -4.36 -7.79
N GLY A 36 -8.71 -3.41 -7.87
CA GLY A 36 -9.06 -2.06 -8.25
C GLY A 36 -9.08 -1.10 -7.07
N GLN A 37 -8.40 -1.48 -6.00
CA GLN A 37 -8.35 -0.65 -4.79
C GLN A 37 -7.28 0.43 -4.91
N GLU A 38 -7.56 1.60 -4.35
CA GLU A 38 -6.62 2.72 -4.40
C GLU A 38 -5.37 2.41 -3.59
N ILE A 39 -4.24 2.28 -4.28
CA ILE A 39 -2.98 1.99 -3.63
C ILE A 39 -2.10 3.24 -3.53
N SER A 40 -1.80 3.65 -2.30
CA SER A 40 -0.97 4.82 -2.07
C SER A 40 0.43 4.43 -1.62
N ARG A 41 1.41 4.67 -2.48
CA ARG A 41 2.80 4.35 -2.17
C ARG A 41 3.65 5.61 -2.08
N CYS A 42 4.36 5.77 -0.97
CA CYS A 42 5.21 6.93 -0.77
C CYS A 42 6.36 6.95 -1.78
N SER A 43 7.00 8.10 -1.91
CA SER A 43 8.12 8.26 -2.85
C SER A 43 9.14 7.14 -2.66
N LYS A 44 9.32 6.72 -1.41
CA LYS A 44 10.27 5.66 -1.09
C LYS A 44 10.01 4.42 -1.95
N CYS A 45 8.77 4.23 -2.35
CA CYS A 45 8.39 3.10 -3.18
C CYS A 45 9.29 2.99 -4.40
N ARG A 46 9.84 4.13 -4.82
CA ARG A 46 10.71 4.17 -5.99
C ARG A 46 11.78 3.07 -5.91
N LYS A 47 12.24 2.79 -4.70
CA LYS A 47 13.26 1.77 -4.49
C LYS A 47 12.62 0.38 -4.43
N GLN A 48 11.42 0.31 -3.89
CA GLN A 48 10.71 -0.96 -3.78
C GLN A 48 10.03 -1.32 -5.10
N SER A 49 10.18 -0.45 -6.10
CA SER A 49 9.58 -0.68 -7.41
C SER A 49 10.00 -2.04 -7.96
N ASN A 50 11.22 -2.46 -7.65
CA ASN A 50 11.73 -3.74 -8.13
C ASN A 50 10.76 -4.87 -7.80
N LEU A 51 10.10 -4.75 -6.66
CA LEU A 51 9.14 -5.76 -6.22
C LEU A 51 8.08 -5.15 -5.29
N TYR A 52 6.82 -5.30 -5.67
CA TYR A 52 5.72 -4.77 -4.87
C TYR A 52 4.64 -5.82 -4.66
N GLU A 53 3.68 -5.50 -3.80
CA GLU A 53 2.59 -6.43 -3.50
C GLU A 53 1.37 -5.68 -2.96
N CYS A 54 0.22 -5.87 -3.61
CA CYS A 54 -1.01 -5.22 -3.20
C CYS A 54 -1.45 -5.71 -1.83
N PRO A 55 -1.42 -4.82 -0.84
CA PRO A 55 -1.81 -5.14 0.54
C PRO A 55 -3.32 -5.36 0.67
N ASP A 56 -4.06 -5.01 -0.37
CA ASP A 56 -5.50 -5.17 -0.38
C ASP A 56 -5.89 -6.60 -0.70
N CYS A 57 -5.44 -7.09 -1.86
CA CYS A 57 -5.74 -8.45 -2.29
C CYS A 57 -4.51 -9.33 -2.21
N GLY A 58 -3.55 -8.92 -1.37
CA GLY A 58 -2.33 -9.69 -1.21
C GLY A 58 -1.78 -10.17 -2.54
N PHE A 59 -1.84 -9.31 -3.55
CA PHE A 59 -1.33 -9.66 -4.88
C PHE A 59 0.14 -9.31 -5.01
N MET A 60 0.99 -10.32 -5.00
CA MET A 60 2.43 -10.12 -5.12
C MET A 60 2.85 -10.00 -6.58
N GLY A 61 3.43 -8.86 -6.93
CA GLY A 61 3.86 -8.63 -8.30
C GLY A 61 5.27 -8.07 -8.39
N PRO A 62 5.78 -7.92 -9.61
CA PRO A 62 7.12 -7.39 -9.85
C PRO A 62 7.23 -5.91 -9.52
N GLY A 1 -17.93 -12.96 20.81
CA GLY A 1 -17.02 -11.89 20.43
C GLY A 1 -16.04 -11.53 21.51
N ALA A 2 -14.86 -12.14 21.48
CA ALA A 2 -13.82 -11.88 22.47
C ALA A 2 -13.38 -10.42 22.42
N MET A 3 -12.39 -10.08 23.25
CA MET A 3 -11.88 -8.71 23.31
C MET A 3 -10.96 -8.44 22.12
N GLY A 4 -10.93 -7.18 21.70
CA GLY A 4 -10.09 -6.80 20.57
C GLY A 4 -9.93 -5.29 20.45
N SER A 5 -9.87 -4.61 21.59
CA SER A 5 -9.73 -3.16 21.60
C SER A 5 -8.44 -2.74 20.90
N GLU A 6 -7.36 -3.47 21.15
CA GLU A 6 -6.07 -3.17 20.56
C GLU A 6 -5.92 -3.89 19.21
N SER A 7 -6.43 -5.12 19.15
CA SER A 7 -6.34 -5.92 17.93
C SER A 7 -6.99 -5.19 16.75
N GLU A 8 -8.20 -4.71 16.97
CA GLU A 8 -8.94 -4.00 15.93
C GLU A 8 -8.45 -2.56 15.81
N GLN A 9 -8.52 -2.01 14.60
CA GLN A 9 -8.08 -0.65 14.35
C GLN A 9 -8.35 -0.23 12.91
N ARG A 10 -8.30 1.06 12.64
CA ARG A 10 -8.53 1.58 11.30
C ARG A 10 -7.39 1.23 10.36
N HIS A 11 -7.63 1.35 9.07
CA HIS A 11 -6.61 1.05 8.07
C HIS A 11 -5.95 2.33 7.55
N ALA A 12 -5.13 2.19 6.51
CA ALA A 12 -4.44 3.33 5.93
C ALA A 12 -3.61 2.91 4.72
N HIS A 13 -3.42 3.83 3.78
CA HIS A 13 -2.65 3.55 2.59
C HIS A 13 -1.16 3.54 2.89
N GLN A 14 -0.59 2.33 2.99
CA GLN A 14 0.83 2.18 3.29
C GLN A 14 1.63 1.88 2.03
N CYS A 15 2.92 2.19 2.06
CA CYS A 15 3.78 1.95 0.90
C CYS A 15 3.87 0.46 0.59
N VAL A 16 3.97 0.14 -0.71
CA VAL A 16 4.05 -1.24 -1.15
C VAL A 16 5.42 -1.83 -0.85
N SER A 17 6.43 -0.97 -0.82
CA SER A 17 7.80 -1.40 -0.55
C SER A 17 8.01 -1.64 0.94
N CYS A 18 7.85 -0.58 1.73
CA CYS A 18 8.02 -0.67 3.17
C CYS A 18 6.68 -0.56 3.89
N GLY A 19 6.16 0.67 3.97
CA GLY A 19 4.88 0.89 4.62
C GLY A 19 4.76 2.29 5.19
N ILE A 20 5.28 3.27 4.45
CA ILE A 20 5.22 4.66 4.89
C ILE A 20 3.78 5.08 5.18
N ASN A 21 3.61 5.92 6.21
CA ASN A 21 2.29 6.40 6.59
C ASN A 21 1.81 7.48 5.62
N ILE A 22 1.53 7.07 4.38
CA ILE A 22 1.06 8.01 3.36
C ILE A 22 -0.44 7.85 3.14
N ALA A 23 -1.18 7.58 4.21
CA ALA A 23 -2.62 7.41 4.14
C ALA A 23 -3.32 8.75 3.90
N GLY A 24 -3.94 8.89 2.73
CA GLY A 24 -4.64 10.11 2.40
C GLY A 24 -3.69 11.28 2.21
N MET A 25 -2.41 10.97 1.98
CA MET A 25 -1.40 11.99 1.77
C MET A 25 -0.86 11.95 0.35
N SER A 26 0.13 12.79 0.07
CA SER A 26 0.74 12.84 -1.25
C SER A 26 1.47 11.54 -1.57
N ALA A 27 1.04 10.87 -2.62
CA ALA A 27 1.65 9.61 -3.03
C ALA A 27 1.01 9.07 -4.32
N ALA A 28 1.81 8.36 -5.11
CA ALA A 28 1.32 7.80 -6.36
C ALA A 28 0.12 6.88 -6.12
N THR A 29 -1.03 7.27 -6.65
CA THR A 29 -2.24 6.48 -6.50
C THR A 29 -2.70 5.90 -7.83
N PHE A 30 -2.72 4.57 -7.91
CA PHE A 30 -3.13 3.89 -9.13
C PHE A 30 -4.03 2.70 -8.81
N LYS A 31 -4.66 2.14 -9.85
CA LYS A 31 -5.55 1.00 -9.67
C LYS A 31 -4.92 -0.26 -10.26
N CYS A 32 -4.79 -1.28 -9.43
CA CYS A 32 -4.21 -2.55 -9.87
C CYS A 32 -5.10 -3.23 -10.91
N PRO A 33 -4.51 -3.54 -12.08
CA PRO A 33 -5.23 -4.19 -13.18
C PRO A 33 -5.59 -5.63 -12.86
N ASP A 34 -5.11 -6.13 -11.72
CA ASP A 34 -5.38 -7.49 -11.29
C ASP A 34 -6.65 -7.55 -10.42
N CYS A 35 -6.69 -6.72 -9.39
CA CYS A 35 -7.83 -6.68 -8.48
C CYS A 35 -8.55 -5.34 -8.59
N GLY A 36 -7.79 -4.26 -8.61
CA GLY A 36 -8.38 -2.93 -8.70
C GLY A 36 -8.36 -2.19 -7.38
N GLN A 37 -7.46 -2.60 -6.49
CA GLN A 37 -7.34 -1.97 -5.19
C GLN A 37 -6.48 -0.71 -5.26
N GLU A 38 -6.85 0.29 -4.46
CA GLU A 38 -6.11 1.55 -4.44
C GLU A 38 -4.72 1.36 -3.85
N ILE A 39 -3.70 1.53 -4.70
CA ILE A 39 -2.32 1.38 -4.25
C ILE A 39 -1.64 2.74 -4.09
N SER A 40 -1.06 2.96 -2.93
CA SER A 40 -0.37 4.22 -2.64
C SER A 40 1.11 3.98 -2.38
N ARG A 41 1.96 4.59 -3.21
CA ARG A 41 3.41 4.45 -3.06
C ARG A 41 4.06 5.79 -2.73
N CYS A 42 4.90 5.79 -1.71
CA CYS A 42 5.58 7.00 -1.29
C CYS A 42 6.62 7.43 -2.32
N SER A 43 7.04 8.69 -2.25
CA SER A 43 8.03 9.22 -3.18
C SER A 43 9.26 8.31 -3.24
N LYS A 44 9.70 7.86 -2.07
CA LYS A 44 10.87 6.98 -1.99
C LYS A 44 10.71 5.77 -2.90
N CYS A 45 9.47 5.30 -3.03
CA CYS A 45 9.18 4.14 -3.88
C CYS A 45 9.64 4.39 -5.31
N ARG A 46 9.74 5.66 -5.68
CA ARG A 46 10.16 6.02 -7.02
C ARG A 46 11.41 5.26 -7.44
N LYS A 47 12.29 5.01 -6.47
CA LYS A 47 13.53 4.29 -6.74
C LYS A 47 13.28 2.79 -6.84
N GLN A 48 12.34 2.29 -6.03
CA GLN A 48 12.00 0.87 -6.05
C GLN A 48 11.02 0.56 -7.17
N SER A 49 10.65 1.59 -7.93
CA SER A 49 9.73 1.42 -9.04
C SER A 49 10.20 0.33 -9.99
N ASN A 50 11.52 0.14 -10.05
CA ASN A 50 12.11 -0.87 -10.93
C ASN A 50 11.45 -2.22 -10.71
N LEU A 51 10.98 -2.47 -9.50
CA LEU A 51 10.33 -3.73 -9.17
C LEU A 51 9.35 -3.54 -8.01
N TYR A 52 8.07 -3.70 -8.30
CA TYR A 52 7.04 -3.56 -7.28
C TYR A 52 6.15 -4.80 -7.22
N GLU A 53 5.24 -4.83 -6.24
CA GLU A 53 4.34 -5.95 -6.07
C GLU A 53 3.10 -5.54 -5.28
N CYS A 54 1.93 -5.76 -5.88
CA CYS A 54 0.67 -5.41 -5.23
C CYS A 54 0.49 -6.18 -3.93
N PRO A 55 0.53 -5.46 -2.80
CA PRO A 55 0.38 -6.06 -1.47
C PRO A 55 -1.04 -6.56 -1.21
N ASP A 56 -1.96 -6.19 -2.10
CA ASP A 56 -3.36 -6.60 -1.98
C ASP A 56 -3.55 -8.01 -2.51
N CYS A 57 -3.20 -8.22 -3.77
CA CYS A 57 -3.33 -9.53 -4.39
C CYS A 57 -1.97 -10.18 -4.61
N GLY A 58 -0.99 -9.75 -3.84
CA GLY A 58 0.35 -10.30 -3.97
C GLY A 58 0.78 -10.45 -5.41
N PHE A 59 0.47 -9.45 -6.23
CA PHE A 59 0.83 -9.48 -7.64
C PHE A 59 2.20 -8.85 -7.87
N MET A 60 3.19 -9.69 -8.11
CA MET A 60 4.55 -9.21 -8.35
C MET A 60 4.70 -8.66 -9.76
N GLY A 61 5.34 -7.50 -9.87
CA GLY A 61 5.54 -6.88 -11.18
C GLY A 61 6.82 -6.09 -11.26
N PRO A 62 7.12 -5.55 -12.45
CA PRO A 62 8.33 -4.76 -12.69
C PRO A 62 8.29 -3.41 -11.97
N GLY A 1 -3.97 -14.00 26.59
CA GLY A 1 -4.51 -12.66 26.60
C GLY A 1 -4.24 -11.91 25.31
N ALA A 2 -4.92 -12.29 24.25
CA ALA A 2 -4.74 -11.65 22.95
C ALA A 2 -6.00 -10.91 22.53
N MET A 3 -5.84 -9.65 22.13
CA MET A 3 -6.97 -8.83 21.70
C MET A 3 -7.26 -9.03 20.22
N GLY A 4 -8.54 -9.04 19.86
CA GLY A 4 -8.93 -9.23 18.48
C GLY A 4 -8.28 -8.22 17.55
N SER A 5 -7.24 -8.65 16.85
CA SER A 5 -6.53 -7.76 15.93
C SER A 5 -6.93 -8.05 14.49
N GLU A 6 -7.11 -9.32 14.17
CA GLU A 6 -7.51 -9.73 12.83
C GLU A 6 -8.90 -9.20 12.48
N SER A 7 -9.78 -9.19 13.48
CA SER A 7 -11.15 -8.72 13.28
C SER A 7 -11.16 -7.32 12.66
N GLU A 8 -10.47 -6.39 13.31
CA GLU A 8 -10.40 -5.02 12.83
C GLU A 8 -9.50 -4.91 11.60
N GLN A 9 -9.83 -3.98 10.72
CA GLN A 9 -9.05 -3.78 9.50
C GLN A 9 -8.84 -2.30 9.22
N ARG A 10 -7.59 -1.85 9.36
CA ARG A 10 -7.26 -0.45 9.12
C ARG A 10 -6.22 -0.31 8.02
N HIS A 11 -6.68 -0.12 6.79
CA HIS A 11 -5.79 0.02 5.65
C HIS A 11 -6.01 1.37 4.95
N ALA A 12 -5.44 2.42 5.51
CA ALA A 12 -5.57 3.76 4.95
C ALA A 12 -4.48 4.03 3.92
N HIS A 13 -4.37 5.28 3.49
CA HIS A 13 -3.37 5.67 2.51
C HIS A 13 -1.97 5.62 3.11
N GLN A 14 -1.21 4.61 2.74
CA GLN A 14 0.15 4.44 3.23
C GLN A 14 1.04 3.78 2.19
N CYS A 15 2.35 3.80 2.43
CA CYS A 15 3.31 3.20 1.52
C CYS A 15 3.19 1.68 1.52
N VAL A 16 3.26 1.08 0.33
CA VAL A 16 3.15 -0.37 0.20
C VAL A 16 4.42 -1.06 0.69
N SER A 17 5.54 -0.34 0.66
CA SER A 17 6.81 -0.88 1.09
C SER A 17 6.90 -0.89 2.61
N CYS A 18 6.53 0.21 3.24
CA CYS A 18 6.56 0.33 4.69
C CYS A 18 5.23 0.84 5.23
N GLY A 19 4.99 2.14 5.06
CA GLY A 19 3.75 2.73 5.55
C GLY A 19 3.90 4.20 5.86
N ILE A 20 4.66 4.91 5.03
CA ILE A 20 4.88 6.34 5.22
C ILE A 20 3.56 7.09 5.22
N ASN A 21 3.48 8.13 6.06
CA ASN A 21 2.27 8.94 6.15
C ASN A 21 2.13 9.85 4.93
N ILE A 22 1.72 9.25 3.81
CA ILE A 22 1.54 10.01 2.58
C ILE A 22 0.07 10.05 2.18
N ALA A 23 -0.81 10.13 3.18
CA ALA A 23 -2.24 10.18 2.93
C ALA A 23 -2.63 11.51 2.27
N GLY A 24 -3.18 11.43 1.07
CA GLY A 24 -3.58 12.63 0.36
C GLY A 24 -2.40 13.47 -0.08
N MET A 25 -1.22 12.86 -0.12
CA MET A 25 -0.01 13.57 -0.53
C MET A 25 0.23 13.41 -2.03
N SER A 26 1.33 13.96 -2.51
CA SER A 26 1.67 13.88 -3.92
C SER A 26 2.56 12.67 -4.20
N ALA A 27 2.14 11.52 -3.69
CA ALA A 27 2.89 10.28 -3.88
C ALA A 27 2.35 9.49 -5.07
N ALA A 28 3.09 8.46 -5.47
CA ALA A 28 2.67 7.62 -6.59
C ALA A 28 1.28 7.04 -6.37
N THR A 29 0.29 7.65 -7.01
CA THR A 29 -1.09 7.20 -6.87
C THR A 29 -1.57 6.51 -8.15
N PHE A 30 -1.80 5.21 -8.06
CA PHE A 30 -2.26 4.44 -9.20
C PHE A 30 -3.40 3.50 -8.81
N LYS A 31 -4.00 2.86 -9.81
CA LYS A 31 -5.10 1.93 -9.57
C LYS A 31 -4.68 0.50 -9.89
N CYS A 32 -4.80 -0.38 -8.91
CA CYS A 32 -4.44 -1.79 -9.09
C CYS A 32 -5.36 -2.46 -10.09
N PRO A 33 -4.77 -3.09 -11.12
CA PRO A 33 -5.53 -3.78 -12.16
C PRO A 33 -6.20 -5.05 -11.65
N ASP A 34 -5.90 -5.41 -10.40
CA ASP A 34 -6.48 -6.60 -9.79
C ASP A 34 -7.78 -6.26 -9.06
N CYS A 35 -7.71 -5.27 -8.17
CA CYS A 35 -8.88 -4.86 -7.41
C CYS A 35 -9.31 -3.45 -7.81
N GLY A 36 -8.34 -2.54 -7.94
CA GLY A 36 -8.65 -1.18 -8.31
C GLY A 36 -8.60 -0.23 -7.13
N GLN A 37 -7.88 -0.62 -6.09
CA GLN A 37 -7.77 0.20 -4.88
C GLN A 37 -6.69 1.27 -5.06
N GLU A 38 -6.91 2.44 -4.45
CA GLU A 38 -5.96 3.53 -4.54
C GLU A 38 -4.67 3.20 -3.80
N ILE A 39 -3.59 3.05 -4.55
CA ILE A 39 -2.29 2.73 -3.97
C ILE A 39 -1.37 3.96 -3.95
N SER A 40 -1.03 4.41 -2.75
CA SER A 40 -0.16 5.57 -2.59
C SER A 40 1.18 5.18 -1.96
N ARG A 41 2.24 5.25 -2.75
CA ARG A 41 3.57 4.90 -2.29
C ARG A 41 4.49 6.12 -2.29
N CYS A 42 5.23 6.31 -1.20
CA CYS A 42 6.14 7.43 -1.09
C CYS A 42 7.16 7.43 -2.23
N SER A 43 7.78 8.58 -2.46
CA SER A 43 8.78 8.71 -3.52
C SER A 43 9.80 7.58 -3.46
N LYS A 44 10.10 7.13 -2.24
CA LYS A 44 11.06 6.05 -2.04
C LYS A 44 10.71 4.85 -2.90
N CYS A 45 9.42 4.65 -3.13
CA CYS A 45 8.95 3.52 -3.95
C CYS A 45 9.62 3.52 -5.32
N ARG A 46 10.06 4.70 -5.75
CA ARG A 46 10.72 4.84 -7.04
C ARG A 46 11.81 3.79 -7.21
N LYS A 47 12.49 3.46 -6.11
CA LYS A 47 13.55 2.47 -6.14
C LYS A 47 12.99 1.06 -6.07
N GLN A 48 11.89 0.90 -5.34
CA GLN A 48 11.25 -0.40 -5.19
C GLN A 48 10.36 -0.71 -6.39
N SER A 49 10.32 0.21 -7.34
CA SER A 49 9.51 0.04 -8.54
C SER A 49 9.84 -1.28 -9.23
N ASN A 50 11.10 -1.70 -9.14
CA ASN A 50 11.54 -2.94 -9.75
C ASN A 50 10.65 -4.11 -9.34
N LEU A 51 10.15 -4.06 -8.12
CA LEU A 51 9.27 -5.10 -7.59
C LEU A 51 8.36 -4.56 -6.49
N TYR A 52 7.06 -4.63 -6.73
CA TYR A 52 6.09 -4.15 -5.76
C TYR A 52 4.99 -5.20 -5.52
N GLU A 53 4.09 -4.90 -4.59
CA GLU A 53 3.00 -5.80 -4.26
C GLU A 53 1.85 -5.06 -3.61
N CYS A 54 0.65 -5.19 -4.18
CA CYS A 54 -0.53 -4.52 -3.64
C CYS A 54 -0.88 -5.05 -2.26
N PRO A 55 -0.74 -4.19 -1.24
CA PRO A 55 -1.03 -4.55 0.15
C PRO A 55 -2.52 -4.75 0.39
N ASP A 56 -3.33 -4.35 -0.58
CA ASP A 56 -4.79 -4.48 -0.47
C ASP A 56 -5.23 -5.90 -0.80
N CYS A 57 -4.88 -6.36 -2.00
CA CYS A 57 -5.25 -7.71 -2.43
C CYS A 57 -4.03 -8.61 -2.45
N GLY A 58 -3.00 -8.24 -1.70
CA GLY A 58 -1.80 -9.04 -1.65
C GLY A 58 -1.36 -9.52 -3.02
N PHE A 59 -1.45 -8.65 -4.01
CA PHE A 59 -1.06 -8.99 -5.37
C PHE A 59 0.40 -8.65 -5.63
N MET A 60 1.22 -9.67 -5.82
CA MET A 60 2.65 -9.49 -6.08
C MET A 60 2.89 -9.18 -7.55
N GLY A 61 3.53 -8.05 -7.82
CA GLY A 61 3.82 -7.65 -9.19
C GLY A 61 5.25 -7.18 -9.37
N PRO A 62 5.63 -6.92 -10.62
CA PRO A 62 6.99 -6.46 -10.96
C PRO A 62 7.24 -5.03 -10.48
N GLY A 1 6.79 -14.13 10.08
CA GLY A 1 6.22 -12.88 9.58
C GLY A 1 4.72 -12.81 9.78
N ALA A 2 4.29 -11.91 10.66
CA ALA A 2 2.88 -11.74 10.94
C ALA A 2 2.37 -10.40 10.41
N MET A 3 1.40 -10.47 9.49
CA MET A 3 0.84 -9.26 8.90
C MET A 3 -0.19 -8.64 9.84
N GLY A 4 -0.05 -7.33 10.08
CA GLY A 4 -0.97 -6.64 10.96
C GLY A 4 -2.00 -5.82 10.19
N SER A 5 -2.54 -6.40 9.12
CA SER A 5 -3.53 -5.72 8.29
C SER A 5 -4.94 -6.20 8.63
N GLU A 6 -5.11 -7.52 8.65
CA GLU A 6 -6.41 -8.11 8.95
C GLU A 6 -6.84 -7.79 10.39
N SER A 7 -5.94 -8.03 11.34
CA SER A 7 -6.22 -7.77 12.74
C SER A 7 -6.70 -6.34 12.95
N GLU A 8 -5.91 -5.38 12.47
CA GLU A 8 -6.26 -3.97 12.60
C GLU A 8 -5.78 -3.18 11.38
N GLN A 9 -6.47 -2.09 11.08
CA GLN A 9 -6.11 -1.25 9.95
C GLN A 9 -6.79 0.12 10.05
N ARG A 10 -6.16 1.13 9.46
CA ARG A 10 -6.70 2.49 9.49
C ARG A 10 -7.20 2.90 8.11
N HIS A 11 -8.21 3.77 8.09
CA HIS A 11 -8.78 4.24 6.84
C HIS A 11 -8.12 5.55 6.38
N ALA A 12 -6.93 5.42 5.80
CA ALA A 12 -6.19 6.58 5.32
C ALA A 12 -5.12 6.17 4.31
N HIS A 13 -4.76 7.10 3.43
CA HIS A 13 -3.75 6.83 2.42
C HIS A 13 -2.37 6.71 3.04
N GLN A 14 -1.88 5.48 3.14
CA GLN A 14 -0.57 5.23 3.73
C GLN A 14 0.27 4.34 2.82
N CYS A 15 1.58 4.33 3.04
CA CYS A 15 2.49 3.53 2.24
C CYS A 15 2.17 2.04 2.38
N VAL A 16 2.28 1.31 1.28
CA VAL A 16 2.01 -0.12 1.29
C VAL A 16 3.13 -0.89 1.96
N SER A 17 4.33 -0.34 1.91
CA SER A 17 5.50 -0.98 2.52
C SER A 17 5.50 -0.79 4.03
N CYS A 18 5.56 0.47 4.46
CA CYS A 18 5.57 0.79 5.89
C CYS A 18 4.24 1.41 6.31
N GLY A 19 4.06 2.68 5.96
CA GLY A 19 2.83 3.37 6.31
C GLY A 19 3.03 4.86 6.47
N ILE A 20 3.87 5.45 5.61
CA ILE A 20 4.14 6.88 5.66
C ILE A 20 2.85 7.69 5.59
N ASN A 21 2.82 8.79 6.33
CA ASN A 21 1.65 9.66 6.35
C ASN A 21 1.58 10.52 5.09
N ILE A 22 1.49 9.86 3.94
CA ILE A 22 1.41 10.55 2.66
C ILE A 22 -0.03 10.65 2.17
N ALA A 23 -0.96 10.72 3.12
CA ALA A 23 -2.38 10.82 2.80
C ALA A 23 -2.76 12.26 2.44
N GLY A 24 -3.14 12.48 1.18
CA GLY A 24 -3.52 13.80 0.74
C GLY A 24 -2.49 14.44 -0.16
N MET A 25 -1.24 13.99 -0.04
CA MET A 25 -0.16 14.52 -0.85
C MET A 25 -0.17 13.90 -2.24
N SER A 26 0.83 14.25 -3.05
CA SER A 26 0.93 13.73 -4.41
C SER A 26 1.97 12.62 -4.48
N ALA A 27 1.66 11.49 -3.85
CA ALA A 27 2.56 10.34 -3.84
C ALA A 27 2.18 9.35 -4.93
N ALA A 28 3.04 8.36 -5.15
CA ALA A 28 2.81 7.35 -6.16
C ALA A 28 1.45 6.66 -5.96
N THR A 29 0.46 7.08 -6.73
CA THR A 29 -0.88 6.51 -6.63
C THR A 29 -1.23 5.72 -7.88
N PHE A 30 -1.87 4.57 -7.68
CA PHE A 30 -2.26 3.70 -8.80
C PHE A 30 -3.44 2.82 -8.40
N LYS A 31 -4.12 2.28 -9.41
CA LYS A 31 -5.27 1.41 -9.18
C LYS A 31 -4.86 -0.06 -9.25
N CYS A 32 -5.16 -0.80 -8.20
CA CYS A 32 -4.83 -2.23 -8.14
C CYS A 32 -5.61 -3.01 -9.19
N PRO A 33 -4.89 -3.76 -10.04
CA PRO A 33 -5.50 -4.57 -11.09
C PRO A 33 -6.27 -5.76 -10.54
N ASP A 34 -6.16 -5.98 -9.23
CA ASP A 34 -6.84 -7.09 -8.57
C ASP A 34 -8.23 -6.67 -8.11
N CYS A 35 -8.29 -5.59 -7.34
CA CYS A 35 -9.55 -5.08 -6.82
C CYS A 35 -9.89 -3.73 -7.43
N GLY A 36 -8.89 -2.85 -7.49
CA GLY A 36 -9.09 -1.52 -8.04
C GLY A 36 -9.17 -0.45 -6.97
N GLN A 37 -8.65 -0.75 -5.79
CA GLN A 37 -8.67 0.20 -4.68
C GLN A 37 -7.51 1.17 -4.79
N GLU A 38 -7.83 2.47 -4.79
CA GLU A 38 -6.82 3.51 -4.89
C GLU A 38 -5.73 3.30 -3.84
N ILE A 39 -4.52 2.99 -4.31
CA ILE A 39 -3.39 2.75 -3.41
C ILE A 39 -2.45 3.97 -3.40
N SER A 40 -1.96 4.30 -2.21
CA SER A 40 -1.06 5.45 -2.05
C SER A 40 0.31 4.98 -1.56
N ARG A 41 1.33 5.14 -2.40
CA ARG A 41 2.68 4.73 -2.05
C ARG A 41 3.62 5.94 -2.04
N CYS A 42 4.57 5.94 -1.12
CA CYS A 42 5.52 7.04 -1.00
C CYS A 42 6.65 6.88 -2.01
N SER A 43 7.38 7.97 -2.26
CA SER A 43 8.48 7.95 -3.21
C SER A 43 9.42 6.78 -2.93
N LYS A 44 9.77 6.60 -1.66
CA LYS A 44 10.66 5.51 -1.26
C LYS A 44 10.16 4.18 -1.79
N CYS A 45 8.85 4.03 -1.91
CA CYS A 45 8.25 2.80 -2.42
C CYS A 45 8.74 2.50 -3.83
N ARG A 46 9.09 3.55 -4.57
CA ARG A 46 9.56 3.39 -5.94
C ARG A 46 10.67 2.34 -6.01
N LYS A 47 11.45 2.23 -4.93
CA LYS A 47 12.54 1.26 -4.88
C LYS A 47 12.02 -0.13 -4.52
N GLN A 48 11.01 -0.16 -3.66
CA GLN A 48 10.41 -1.43 -3.25
C GLN A 48 9.40 -1.92 -4.26
N SER A 49 9.21 -1.15 -5.33
CA SER A 49 8.26 -1.50 -6.38
C SER A 49 8.55 -2.89 -6.93
N ASN A 50 9.82 -3.29 -6.87
CA ASN A 50 10.22 -4.60 -7.36
C ASN A 50 9.37 -5.71 -6.76
N LEU A 51 8.88 -5.47 -5.55
CA LEU A 51 8.04 -6.45 -4.86
C LEU A 51 7.11 -5.76 -3.86
N TYR A 52 5.87 -5.52 -4.29
CA TYR A 52 4.88 -4.86 -3.43
C TYR A 52 3.76 -5.82 -3.08
N GLU A 53 2.79 -5.33 -2.31
CA GLU A 53 1.65 -6.14 -1.89
C GLU A 53 0.47 -5.26 -1.51
N CYS A 54 -0.64 -5.42 -2.22
CA CYS A 54 -1.84 -4.64 -1.95
C CYS A 54 -2.41 -4.97 -0.58
N PRO A 55 -2.36 -3.98 0.33
CA PRO A 55 -2.87 -4.14 1.69
C PRO A 55 -4.38 -4.24 1.74
N ASP A 56 -5.03 -3.93 0.63
CA ASP A 56 -6.49 -4.00 0.54
C ASP A 56 -6.95 -5.43 0.31
N CYS A 57 -6.49 -6.02 -0.78
CA CYS A 57 -6.88 -7.39 -1.11
C CYS A 57 -5.73 -8.36 -0.83
N GLY A 58 -4.80 -7.94 0.02
CA GLY A 58 -3.67 -8.78 0.36
C GLY A 58 -3.07 -9.46 -0.85
N PHE A 59 -2.94 -8.72 -1.95
CA PHE A 59 -2.38 -9.26 -3.18
C PHE A 59 -0.89 -8.97 -3.28
N MET A 60 -0.07 -9.99 -3.09
CA MET A 60 1.38 -9.84 -3.17
C MET A 60 1.86 -9.93 -4.61
N GLY A 61 2.52 -8.88 -5.08
CA GLY A 61 3.03 -8.86 -6.43
C GLY A 61 4.42 -8.29 -6.52
N PRO A 62 4.96 -8.21 -7.76
CA PRO A 62 6.30 -7.67 -8.00
C PRO A 62 6.39 -6.18 -7.74
N GLY A 1 -11.17 -12.07 4.11
CA GLY A 1 -12.58 -12.26 4.40
C GLY A 1 -12.85 -12.50 5.87
N ALA A 2 -12.13 -11.79 6.73
CA ALA A 2 -12.29 -11.93 8.17
C ALA A 2 -11.98 -10.62 8.89
N MET A 3 -12.63 -10.41 10.03
CA MET A 3 -12.42 -9.21 10.81
C MET A 3 -11.11 -9.29 11.61
N GLY A 4 -10.46 -8.15 11.79
CA GLY A 4 -9.21 -8.12 12.54
C GLY A 4 -8.43 -6.85 12.30
N SER A 5 -7.21 -6.80 12.83
CA SER A 5 -6.36 -5.63 12.67
C SER A 5 -5.76 -5.56 11.27
N GLU A 6 -5.41 -6.73 10.73
CA GLU A 6 -4.84 -6.82 9.39
C GLU A 6 -5.80 -6.28 8.35
N SER A 7 -7.04 -6.79 8.37
CA SER A 7 -8.06 -6.37 7.42
C SER A 7 -8.26 -4.86 7.48
N GLU A 8 -8.34 -4.32 8.69
CA GLU A 8 -8.55 -2.89 8.88
C GLU A 8 -7.21 -2.15 8.87
N GLN A 9 -7.25 -0.85 9.15
CA GLN A 9 -6.05 -0.03 9.18
C GLN A 9 -6.05 0.90 10.39
N ARG A 10 -5.01 1.73 10.49
CA ARG A 10 -4.90 2.67 11.59
C ARG A 10 -5.04 4.11 11.11
N HIS A 11 -5.90 4.31 10.11
CA HIS A 11 -6.13 5.64 9.55
C HIS A 11 -4.81 6.30 9.18
N ALA A 12 -3.94 5.56 8.50
CA ALA A 12 -2.65 6.07 8.07
C ALA A 12 -2.12 5.30 6.87
N HIS A 13 -2.02 5.99 5.73
CA HIS A 13 -1.53 5.36 4.51
C HIS A 13 0.00 5.42 4.44
N GLN A 14 0.65 4.28 4.66
CA GLN A 14 2.10 4.21 4.64
C GLN A 14 2.60 3.73 3.28
N CYS A 15 3.90 3.85 3.05
CA CYS A 15 4.49 3.42 1.78
C CYS A 15 4.68 1.92 1.75
N VAL A 16 4.38 1.31 0.60
CA VAL A 16 4.51 -0.13 0.44
C VAL A 16 5.98 -0.55 0.50
N SER A 17 6.87 0.35 0.12
CA SER A 17 8.30 0.07 0.12
C SER A 17 8.86 0.17 1.54
N CYS A 18 8.76 1.35 2.12
CA CYS A 18 9.27 1.57 3.48
C CYS A 18 8.12 1.80 4.46
N GLY A 19 7.54 3.00 4.42
CA GLY A 19 6.44 3.33 5.30
C GLY A 19 6.32 4.81 5.56
N ILE A 20 6.55 5.61 4.52
CA ILE A 20 6.47 7.06 4.63
C ILE A 20 5.08 7.50 5.08
N ASN A 21 5.03 8.56 5.88
CA ASN A 21 3.77 9.08 6.39
C ASN A 21 3.03 9.87 5.31
N ILE A 22 2.65 9.17 4.23
CA ILE A 22 1.94 9.80 3.13
C ILE A 22 0.43 9.64 3.28
N ALA A 23 -0.05 9.69 4.52
CA ALA A 23 -1.47 9.54 4.80
C ALA A 23 -2.27 10.68 4.16
N GLY A 24 -3.12 10.32 3.19
CA GLY A 24 -3.93 11.32 2.52
C GLY A 24 -3.09 12.26 1.67
N MET A 25 -1.87 11.86 1.35
CA MET A 25 -0.98 12.67 0.54
C MET A 25 -1.31 12.54 -0.94
N SER A 26 -0.61 13.30 -1.77
CA SER A 26 -0.83 13.27 -3.21
C SER A 26 0.21 12.41 -3.91
N ALA A 27 0.62 11.33 -3.25
CA ALA A 27 1.62 10.42 -3.81
C ALA A 27 0.98 9.45 -4.79
N ALA A 28 1.76 8.47 -5.24
CA ALA A 28 1.28 7.47 -6.18
C ALA A 28 0.27 6.53 -5.51
N THR A 29 -0.92 6.44 -6.09
CA THR A 29 -1.96 5.58 -5.54
C THR A 29 -2.53 4.67 -6.62
N PHE A 30 -2.69 3.39 -6.28
CA PHE A 30 -3.22 2.41 -7.22
C PHE A 30 -4.06 1.36 -6.50
N LYS A 31 -5.04 0.81 -7.20
CA LYS A 31 -5.93 -0.20 -6.64
C LYS A 31 -5.37 -1.61 -6.86
N CYS A 32 -5.23 -2.37 -5.79
CA CYS A 32 -4.71 -3.73 -5.87
C CYS A 32 -5.66 -4.63 -6.64
N PRO A 33 -5.13 -5.29 -7.69
CA PRO A 33 -5.92 -6.19 -8.54
C PRO A 33 -6.31 -7.46 -7.81
N ASP A 34 -5.78 -7.64 -6.60
CA ASP A 34 -6.08 -8.83 -5.80
C ASP A 34 -7.30 -8.59 -4.91
N CYS A 35 -7.25 -7.53 -4.11
CA CYS A 35 -8.34 -7.20 -3.22
C CYS A 35 -9.04 -5.92 -3.66
N GLY A 36 -8.25 -4.91 -4.02
CA GLY A 36 -8.80 -3.65 -4.46
C GLY A 36 -8.72 -2.57 -3.38
N GLN A 37 -7.79 -2.75 -2.45
CA GLN A 37 -7.62 -1.79 -1.36
C GLN A 37 -6.74 -0.62 -1.80
N GLU A 38 -7.21 0.59 -1.54
CA GLU A 38 -6.46 1.79 -1.90
C GLU A 38 -5.06 1.76 -1.30
N ILE A 39 -4.05 1.66 -2.16
CA ILE A 39 -2.66 1.64 -1.71
C ILE A 39 -1.96 2.96 -2.00
N SER A 40 -1.31 3.51 -0.98
CA SER A 40 -0.60 4.78 -1.12
C SER A 40 0.91 4.57 -1.02
N ARG A 41 1.62 5.00 -2.06
CA ARG A 41 3.07 4.85 -2.08
C ARG A 41 3.74 6.19 -2.43
N CYS A 42 4.65 6.62 -1.56
CA CYS A 42 5.37 7.88 -1.77
C CYS A 42 6.05 7.91 -3.14
N SER A 43 6.46 9.08 -3.56
CA SER A 43 7.12 9.24 -4.85
C SER A 43 8.26 8.23 -5.01
N LYS A 44 8.91 7.91 -3.91
CA LYS A 44 10.02 6.96 -3.92
C LYS A 44 9.60 5.66 -4.59
N CYS A 45 8.31 5.34 -4.52
CA CYS A 45 7.80 4.12 -5.12
C CYS A 45 8.21 4.02 -6.58
N ARG A 46 8.44 5.16 -7.21
CA ARG A 46 8.84 5.20 -8.61
C ARG A 46 10.01 4.25 -8.87
N LYS A 47 10.91 4.15 -7.90
CA LYS A 47 12.06 3.27 -8.02
C LYS A 47 11.71 1.83 -7.65
N GLN A 48 10.78 1.69 -6.71
CA GLN A 48 10.35 0.36 -6.27
C GLN A 48 9.32 -0.22 -7.24
N SER A 49 9.00 0.55 -8.28
CA SER A 49 8.02 0.11 -9.27
C SER A 49 8.41 -1.25 -9.85
N ASN A 50 9.72 -1.48 -9.97
CA ASN A 50 10.22 -2.74 -10.52
C ASN A 50 9.61 -3.93 -9.78
N LEU A 51 9.37 -3.75 -8.49
CA LEU A 51 8.78 -4.82 -7.67
C LEU A 51 8.02 -4.23 -6.49
N TYR A 52 6.73 -4.55 -6.41
CA TYR A 52 5.89 -4.06 -5.33
C TYR A 52 5.16 -5.21 -4.64
N GLU A 53 4.48 -4.90 -3.53
CA GLU A 53 3.75 -5.91 -2.78
C GLU A 53 2.67 -5.27 -1.93
N CYS A 54 1.45 -5.83 -2.00
CA CYS A 54 0.33 -5.30 -1.24
C CYS A 54 0.42 -5.71 0.23
N PRO A 55 0.62 -4.72 1.10
CA PRO A 55 0.74 -4.96 2.54
C PRO A 55 -0.59 -5.38 3.17
N ASP A 56 -1.67 -5.23 2.41
CA ASP A 56 -2.99 -5.60 2.89
C ASP A 56 -3.21 -7.11 2.79
N CYS A 57 -3.08 -7.63 1.57
CA CYS A 57 -3.27 -9.06 1.34
C CYS A 57 -1.93 -9.74 1.03
N GLY A 58 -0.85 -9.13 1.51
CA GLY A 58 0.47 -9.69 1.28
C GLY A 58 0.65 -10.21 -0.13
N PHE A 59 0.13 -9.47 -1.10
CA PHE A 59 0.23 -9.86 -2.51
C PHE A 59 1.51 -9.32 -3.13
N MET A 60 2.50 -10.20 -3.31
CA MET A 60 3.77 -9.81 -3.90
C MET A 60 3.71 -9.87 -5.42
N GLY A 61 3.92 -8.73 -6.06
CA GLY A 61 3.88 -8.68 -7.51
C GLY A 61 5.06 -7.91 -8.09
N PRO A 62 5.12 -7.85 -9.44
CA PRO A 62 6.19 -7.14 -10.14
C PRO A 62 6.10 -5.63 -9.98
N GLY A 1 -4.49 -15.83 12.40
CA GLY A 1 -5.64 -14.95 12.45
C GLY A 1 -5.30 -13.52 12.09
N ALA A 2 -6.26 -12.82 11.49
CA ALA A 2 -6.06 -11.44 11.09
C ALA A 2 -6.72 -10.48 12.08
N MET A 3 -5.98 -10.08 13.11
CA MET A 3 -6.49 -9.18 14.12
C MET A 3 -6.22 -7.72 13.73
N GLY A 4 -7.27 -6.90 13.77
CA GLY A 4 -7.13 -5.51 13.42
C GLY A 4 -8.28 -4.66 13.93
N SER A 5 -9.49 -5.13 13.71
CA SER A 5 -10.69 -4.41 14.14
C SER A 5 -10.70 -4.25 15.66
N GLU A 6 -10.25 -5.29 16.36
CA GLU A 6 -10.21 -5.27 17.82
C GLU A 6 -9.23 -4.21 18.32
N SER A 7 -8.01 -4.26 17.81
CA SER A 7 -6.98 -3.31 18.21
C SER A 7 -7.43 -1.88 17.96
N GLU A 8 -7.88 -1.61 16.75
CA GLU A 8 -8.34 -0.27 16.39
C GLU A 8 -9.23 -0.32 15.14
N GLN A 9 -10.19 0.60 15.06
CA GLN A 9 -11.10 0.66 13.93
C GLN A 9 -10.69 1.75 12.95
N ARG A 10 -9.39 2.03 12.91
CA ARG A 10 -8.86 3.06 12.01
C ARG A 10 -7.93 2.45 10.98
N HIS A 11 -7.85 3.08 9.80
CA HIS A 11 -7.00 2.60 8.73
C HIS A 11 -6.03 3.68 8.28
N ALA A 12 -5.23 3.36 7.27
CA ALA A 12 -4.25 4.31 6.75
C ALA A 12 -3.47 3.71 5.57
N HIS A 13 -3.29 4.51 4.52
CA HIS A 13 -2.58 4.06 3.33
C HIS A 13 -1.08 4.17 3.54
N GLN A 14 -0.43 3.03 3.79
CA GLN A 14 1.01 2.99 4.01
C GLN A 14 1.75 2.65 2.71
N CYS A 15 3.06 2.83 2.72
CA CYS A 15 3.88 2.53 1.55
C CYS A 15 4.06 1.03 1.38
N VAL A 16 4.00 0.57 0.13
CA VAL A 16 4.16 -0.85 -0.17
C VAL A 16 5.59 -1.31 0.09
N SER A 17 6.53 -0.38 -0.04
CA SER A 17 7.94 -0.70 0.18
C SER A 17 8.27 -0.76 1.67
N CYS A 18 8.07 0.36 2.37
CA CYS A 18 8.34 0.42 3.79
C CYS A 18 7.03 0.53 4.58
N GLY A 19 6.44 1.71 4.58
CA GLY A 19 5.20 1.92 5.31
C GLY A 19 5.01 3.36 5.73
N ILE A 20 5.41 4.29 4.87
CA ILE A 20 5.28 5.72 5.16
C ILE A 20 3.83 6.10 5.42
N ASN A 21 3.62 7.01 6.36
CA ASN A 21 2.27 7.46 6.70
C ASN A 21 1.74 8.44 5.64
N ILE A 22 1.56 7.94 4.43
CA ILE A 22 1.06 8.75 3.33
C ILE A 22 -0.44 8.55 3.13
N ALA A 23 -1.17 8.41 4.23
CA ALA A 23 -2.61 8.22 4.17
C ALA A 23 -3.31 9.44 3.58
N GLY A 24 -3.93 9.25 2.41
CA GLY A 24 -4.63 10.35 1.76
C GLY A 24 -3.68 11.42 1.27
N MET A 25 -2.40 11.08 1.16
CA MET A 25 -1.39 12.03 0.70
C MET A 25 -1.40 12.14 -0.83
N SER A 26 -0.52 12.98 -1.36
CA SER A 26 -0.43 13.18 -2.80
C SER A 26 0.69 12.33 -3.39
N ALA A 27 0.75 11.07 -2.97
CA ALA A 27 1.77 10.14 -3.45
C ALA A 27 1.24 9.30 -4.61
N ALA A 28 2.03 8.33 -5.04
CA ALA A 28 1.64 7.46 -6.15
C ALA A 28 0.38 6.67 -5.79
N THR A 29 -0.75 7.11 -6.34
CA THR A 29 -2.03 6.45 -6.08
C THR A 29 -2.54 5.75 -7.34
N PHE A 30 -2.75 4.45 -7.24
CA PHE A 30 -3.23 3.66 -8.37
C PHE A 30 -4.15 2.53 -7.89
N LYS A 31 -4.71 1.79 -8.84
CA LYS A 31 -5.60 0.68 -8.52
C LYS A 31 -5.01 -0.64 -8.98
N CYS A 32 -4.88 -1.58 -8.05
CA CYS A 32 -4.33 -2.90 -8.36
C CYS A 32 -5.24 -3.66 -9.33
N PRO A 33 -4.68 -4.10 -10.46
CA PRO A 33 -5.42 -4.85 -11.47
C PRO A 33 -5.81 -6.24 -11.00
N ASP A 34 -5.32 -6.64 -9.83
CA ASP A 34 -5.61 -7.94 -9.27
C ASP A 34 -6.86 -7.89 -8.40
N CYS A 35 -6.87 -6.97 -7.44
CA CYS A 35 -8.01 -6.82 -6.54
C CYS A 35 -8.72 -5.49 -6.77
N GLY A 36 -7.93 -4.42 -6.89
CA GLY A 36 -8.48 -3.10 -7.11
C GLY A 36 -8.42 -2.24 -5.87
N GLN A 37 -7.54 -2.60 -4.94
CA GLN A 37 -7.39 -1.84 -3.71
C GLN A 37 -6.49 -0.64 -3.91
N GLU A 38 -7.00 0.55 -3.61
CA GLU A 38 -6.23 1.78 -3.76
C GLU A 38 -4.89 1.67 -3.06
N ILE A 39 -3.81 1.67 -3.84
CA ILE A 39 -2.46 1.57 -3.29
C ILE A 39 -1.80 2.94 -3.24
N SER A 40 -1.13 3.21 -2.12
CA SER A 40 -0.44 4.49 -1.94
C SER A 40 1.03 4.27 -1.62
N ARG A 41 1.89 4.59 -2.58
CA ARG A 41 3.33 4.43 -2.40
C ARG A 41 4.04 5.79 -2.44
N CYS A 42 4.75 6.10 -1.37
CA CYS A 42 5.48 7.36 -1.28
C CYS A 42 6.42 7.54 -2.47
N SER A 43 6.91 8.76 -2.65
CA SER A 43 7.82 9.05 -3.75
C SER A 43 8.96 8.04 -3.80
N LYS A 44 9.38 7.57 -2.63
CA LYS A 44 10.46 6.60 -2.54
C LYS A 44 10.20 5.41 -3.46
N CYS A 45 8.92 5.10 -3.68
CA CYS A 45 8.54 3.98 -4.54
C CYS A 45 9.23 4.08 -5.90
N ARG A 46 9.56 5.31 -6.30
CA ARG A 46 10.22 5.54 -7.58
C ARG A 46 11.41 4.60 -7.76
N LYS A 47 12.10 4.30 -6.66
CA LYS A 47 13.25 3.42 -6.69
C LYS A 47 12.82 1.95 -6.67
N GLN A 48 11.72 1.68 -5.95
CA GLN A 48 11.20 0.32 -5.84
C GLN A 48 10.37 -0.04 -7.07
N SER A 49 10.25 0.90 -8.00
CA SER A 49 9.48 0.69 -9.21
C SER A 49 9.96 -0.56 -9.95
N ASN A 50 11.26 -0.82 -9.88
CA ASN A 50 11.85 -1.97 -10.54
C ASN A 50 11.12 -3.26 -10.15
N LEU A 51 10.68 -3.31 -8.89
CA LEU A 51 9.96 -4.48 -8.38
C LEU A 51 9.06 -4.09 -7.22
N TYR A 52 7.77 -4.39 -7.36
CA TYR A 52 6.79 -4.08 -6.31
C TYR A 52 5.89 -5.27 -6.04
N GLU A 53 5.06 -5.15 -5.01
CA GLU A 53 4.15 -6.23 -4.63
C GLU A 53 2.97 -5.68 -3.83
N CYS A 54 1.76 -5.95 -4.31
CA CYS A 54 0.55 -5.49 -3.63
C CYS A 54 0.41 -6.14 -2.26
N PRO A 55 0.53 -5.33 -1.20
CA PRO A 55 0.42 -5.81 0.18
C PRO A 55 -1.00 -6.22 0.54
N ASP A 56 -1.95 -5.89 -0.33
CA ASP A 56 -3.35 -6.22 -0.11
C ASP A 56 -3.63 -7.67 -0.49
N CYS A 57 -3.33 -8.01 -1.75
CA CYS A 57 -3.55 -9.36 -2.24
C CYS A 57 -2.22 -10.09 -2.43
N GLY A 58 -1.20 -9.62 -1.73
CA GLY A 58 0.11 -10.25 -1.83
C GLY A 58 0.49 -10.58 -3.26
N PHE A 59 0.18 -9.67 -4.18
CA PHE A 59 0.48 -9.88 -5.60
C PHE A 59 1.85 -9.31 -5.94
N MET A 60 2.80 -10.20 -6.17
CA MET A 60 4.17 -9.79 -6.51
C MET A 60 4.28 -9.48 -8.00
N GLY A 61 4.71 -8.26 -8.31
CA GLY A 61 4.86 -7.84 -9.69
C GLY A 61 6.18 -7.14 -9.95
N PRO A 62 6.41 -6.78 -11.22
CA PRO A 62 7.64 -6.09 -11.63
C PRO A 62 7.70 -4.66 -11.11
N GLY A 1 -16.23 -12.57 26.12
CA GLY A 1 -16.10 -12.33 24.69
C GLY A 1 -14.69 -11.98 24.29
N ALA A 2 -14.45 -11.89 22.98
CA ALA A 2 -13.13 -11.56 22.46
C ALA A 2 -13.21 -10.50 21.38
N MET A 3 -12.16 -9.71 21.24
CA MET A 3 -12.11 -8.66 20.23
C MET A 3 -11.91 -9.25 18.84
N GLY A 4 -12.47 -8.59 17.83
CA GLY A 4 -12.34 -9.07 16.47
C GLY A 4 -11.18 -8.43 15.73
N SER A 5 -9.99 -8.56 16.30
CA SER A 5 -8.79 -7.99 15.70
C SER A 5 -8.65 -8.43 14.25
N GLU A 6 -8.80 -9.73 14.02
CA GLU A 6 -8.69 -10.28 12.66
C GLU A 6 -9.66 -9.60 11.71
N SER A 7 -10.84 -9.26 12.22
CA SER A 7 -11.87 -8.60 11.42
C SER A 7 -11.35 -7.29 10.85
N GLU A 8 -10.82 -6.44 11.71
CA GLU A 8 -10.28 -5.15 11.29
C GLU A 8 -9.16 -4.70 12.22
N GLN A 9 -8.26 -3.87 11.69
CA GLN A 9 -7.13 -3.37 12.46
C GLN A 9 -6.74 -1.97 12.00
N ARG A 10 -6.00 -1.27 12.85
CA ARG A 10 -5.55 0.08 12.52
C ARG A 10 -4.61 0.08 11.32
N HIS A 11 -4.76 1.07 10.45
CA HIS A 11 -3.93 1.17 9.26
C HIS A 11 -4.14 2.52 8.57
N ALA A 12 -3.49 2.69 7.42
CA ALA A 12 -3.60 3.93 6.66
C ALA A 12 -2.80 3.86 5.36
N HIS A 13 -2.95 4.88 4.53
CA HIS A 13 -2.23 4.92 3.25
C HIS A 13 -0.74 5.15 3.47
N GLN A 14 0.03 4.08 3.29
CA GLN A 14 1.47 4.15 3.47
C GLN A 14 2.21 3.65 2.23
N CYS A 15 3.51 3.89 2.18
CA CYS A 15 4.32 3.46 1.04
C CYS A 15 4.46 1.95 1.01
N VAL A 16 4.31 1.36 -0.17
CA VAL A 16 4.42 -0.08 -0.33
C VAL A 16 5.84 -0.56 -0.12
N SER A 17 6.81 0.32 -0.36
CA SER A 17 8.21 0.01 -0.19
C SER A 17 8.61 0.03 1.28
N CYS A 18 8.48 1.20 1.89
CA CYS A 18 8.81 1.38 3.30
C CYS A 18 7.56 1.58 4.14
N GLY A 19 6.99 2.78 4.07
CA GLY A 19 5.79 3.08 4.84
C GLY A 19 5.67 4.55 5.17
N ILE A 20 6.05 5.40 4.21
CA ILE A 20 5.98 6.84 4.40
C ILE A 20 4.55 7.29 4.72
N ASN A 21 4.42 8.28 5.58
CA ASN A 21 3.11 8.80 5.97
C ASN A 21 2.54 9.71 4.88
N ILE A 22 2.36 9.14 3.69
CA ILE A 22 1.82 9.90 2.56
C ILE A 22 0.31 9.65 2.42
N ALA A 23 -0.37 9.50 3.54
CA ALA A 23 -1.81 9.27 3.54
C ALA A 23 -2.56 10.52 3.11
N GLY A 24 -3.23 10.45 1.97
CA GLY A 24 -3.98 11.58 1.47
C GLY A 24 -3.09 12.74 1.06
N MET A 25 -1.81 12.45 0.85
CA MET A 25 -0.85 13.47 0.46
C MET A 25 -0.42 13.29 -1.00
N SER A 26 0.56 14.07 -1.42
CA SER A 26 1.05 14.00 -2.79
C SER A 26 1.92 12.77 -2.99
N ALA A 27 1.49 11.88 -3.89
CA ALA A 27 2.22 10.65 -4.17
C ALA A 27 1.52 9.83 -5.25
N ALA A 28 2.20 8.79 -5.72
CA ALA A 28 1.64 7.92 -6.75
C ALA A 28 0.35 7.25 -6.28
N THR A 29 -0.77 7.63 -6.88
CA THR A 29 -2.06 7.08 -6.52
C THR A 29 -2.60 6.18 -7.62
N PHE A 30 -2.69 4.88 -7.34
CA PHE A 30 -3.19 3.91 -8.31
C PHE A 30 -3.84 2.73 -7.60
N LYS A 31 -4.89 2.20 -8.21
CA LYS A 31 -5.61 1.06 -7.64
C LYS A 31 -5.02 -0.26 -8.15
N CYS A 32 -4.91 -1.23 -7.26
CA CYS A 32 -4.37 -2.54 -7.63
C CYS A 32 -5.28 -3.25 -8.61
N PRO A 33 -4.69 -3.75 -9.71
CA PRO A 33 -5.44 -4.46 -10.75
C PRO A 33 -5.94 -5.82 -10.29
N ASP A 34 -5.56 -6.20 -9.07
CA ASP A 34 -5.98 -7.47 -8.50
C ASP A 34 -7.22 -7.31 -7.62
N CYS A 35 -7.20 -6.29 -6.78
CA CYS A 35 -8.32 -6.01 -5.89
C CYS A 35 -8.91 -4.63 -6.15
N GLY A 36 -8.03 -3.64 -6.29
CA GLY A 36 -8.48 -2.28 -6.54
C GLY A 36 -8.31 -1.38 -5.34
N GLN A 37 -7.38 -1.74 -4.46
CA GLN A 37 -7.12 -0.96 -3.25
C GLN A 37 -6.21 0.22 -3.56
N GLU A 38 -6.66 1.43 -3.24
CA GLU A 38 -5.88 2.63 -3.47
C GLU A 38 -4.48 2.48 -2.91
N ILE A 39 -3.48 2.45 -3.79
CA ILE A 39 -2.09 2.31 -3.38
C ILE A 39 -1.39 3.66 -3.38
N SER A 40 -0.72 3.97 -2.27
CA SER A 40 -0.01 5.24 -2.13
C SER A 40 1.49 5.01 -1.93
N ARG A 41 2.26 5.25 -2.98
CA ARG A 41 3.71 5.06 -2.93
C ARG A 41 4.43 6.38 -3.11
N CYS A 42 5.23 6.76 -2.10
CA CYS A 42 5.98 8.01 -2.15
C CYS A 42 6.85 8.07 -3.40
N SER A 43 7.36 9.27 -3.70
CA SER A 43 8.21 9.46 -4.87
C SER A 43 9.32 8.42 -4.92
N LYS A 44 9.80 8.03 -3.75
CA LYS A 44 10.87 7.03 -3.65
C LYS A 44 10.52 5.79 -4.46
N CYS A 45 9.23 5.50 -4.57
CA CYS A 45 8.76 4.33 -5.33
C CYS A 45 9.34 4.33 -6.73
N ARG A 46 9.70 5.51 -7.23
CA ARG A 46 10.26 5.65 -8.57
C ARG A 46 11.39 4.65 -8.79
N LYS A 47 12.14 4.38 -7.73
CA LYS A 47 13.25 3.44 -7.79
C LYS A 47 12.76 2.00 -7.67
N GLN A 48 11.72 1.80 -6.86
CA GLN A 48 11.16 0.48 -6.66
C GLN A 48 10.21 0.11 -7.80
N SER A 49 10.06 1.01 -8.75
CA SER A 49 9.18 0.78 -9.90
C SER A 49 9.51 -0.52 -10.59
N ASN A 50 10.80 -0.88 -10.59
CA ASN A 50 11.26 -2.11 -11.22
C ASN A 50 10.46 -3.30 -10.74
N LEU A 51 10.06 -3.27 -9.47
CA LEU A 51 9.29 -4.36 -8.88
C LEU A 51 8.48 -3.86 -7.68
N TYR A 52 7.16 -3.97 -7.77
CA TYR A 52 6.28 -3.53 -6.68
C TYR A 52 5.42 -4.69 -6.19
N GLU A 53 4.68 -4.44 -5.11
CA GLU A 53 3.81 -5.46 -4.54
C GLU A 53 2.70 -4.82 -3.69
N CYS A 54 1.47 -5.25 -3.93
CA CYS A 54 0.32 -4.72 -3.21
C CYS A 54 0.31 -5.23 -1.77
N PRO A 55 0.51 -4.31 -0.81
CA PRO A 55 0.52 -4.64 0.62
C PRO A 55 -0.85 -5.04 1.14
N ASP A 56 -1.88 -4.79 0.33
CA ASP A 56 -3.25 -5.13 0.71
C ASP A 56 -3.53 -6.60 0.49
N CYS A 57 -3.38 -7.05 -0.77
CA CYS A 57 -3.63 -8.44 -1.12
C CYS A 57 -2.31 -9.18 -1.33
N GLY A 58 -1.23 -8.64 -0.78
CA GLY A 58 0.07 -9.25 -0.92
C GLY A 58 0.33 -9.76 -2.32
N PHE A 59 -0.01 -8.93 -3.32
CA PHE A 59 0.19 -9.29 -4.71
C PHE A 59 1.50 -8.72 -5.24
N MET A 60 2.48 -9.60 -5.44
CA MET A 60 3.78 -9.18 -5.95
C MET A 60 3.76 -9.06 -7.47
N GLY A 61 4.39 -8.01 -7.99
CA GLY A 61 4.44 -7.80 -9.42
C GLY A 61 5.65 -7.00 -9.85
N PRO A 62 5.78 -6.78 -11.17
CA PRO A 62 6.91 -6.03 -11.74
C PRO A 62 6.84 -4.55 -11.39
N GLY A 1 -5.97 -4.10 4.02
CA GLY A 1 -5.11 -4.80 4.95
C GLY A 1 -5.17 -4.22 6.35
N ALA A 2 -6.38 -4.13 6.91
CA ALA A 2 -6.56 -3.59 8.24
C ALA A 2 -6.32 -4.65 9.31
N MET A 3 -5.26 -4.47 10.10
CA MET A 3 -4.92 -5.41 11.15
C MET A 3 -6.04 -5.49 12.18
N GLY A 4 -6.24 -6.70 12.73
CA GLY A 4 -7.27 -6.89 13.72
C GLY A 4 -8.67 -6.75 13.14
N SER A 5 -9.38 -7.88 13.04
CA SER A 5 -10.72 -7.88 12.48
C SER A 5 -11.75 -7.53 13.55
N GLU A 6 -11.58 -8.10 14.75
CA GLU A 6 -12.50 -7.84 15.85
C GLU A 6 -12.39 -6.38 16.32
N SER A 7 -11.17 -5.85 16.31
CA SER A 7 -10.92 -4.48 16.74
C SER A 7 -11.09 -3.51 15.57
N GLU A 8 -10.63 -3.92 14.39
CA GLU A 8 -10.72 -3.09 13.20
C GLU A 8 -9.86 -1.84 13.34
N GLN A 9 -9.18 -1.49 12.26
CA GLN A 9 -8.31 -0.31 12.26
C GLN A 9 -8.23 0.31 10.86
N ARG A 10 -8.69 1.56 10.75
CA ARG A 10 -8.68 2.26 9.48
C ARG A 10 -7.85 3.54 9.57
N HIS A 11 -7.89 4.34 8.51
CA HIS A 11 -7.14 5.59 8.47
C HIS A 11 -5.66 5.33 8.67
N ALA A 12 -5.08 4.48 7.84
CA ALA A 12 -3.67 4.14 7.93
C ALA A 12 -3.15 3.58 6.61
N HIS A 13 -2.41 4.41 5.87
CA HIS A 13 -1.85 4.00 4.58
C HIS A 13 -0.34 4.15 4.58
N GLN A 14 0.36 3.02 4.64
CA GLN A 14 1.82 3.03 4.65
C GLN A 14 2.37 2.58 3.29
N CYS A 15 3.67 2.81 3.08
CA CYS A 15 4.31 2.44 1.84
C CYS A 15 4.45 0.92 1.72
N VAL A 16 4.21 0.39 0.53
CA VAL A 16 4.31 -1.04 0.29
C VAL A 16 5.75 -1.50 0.33
N SER A 17 6.67 -0.60 0.01
CA SER A 17 8.09 -0.91 0.00
C SER A 17 8.66 -0.92 1.41
N CYS A 18 8.58 0.23 2.07
CA CYS A 18 9.09 0.36 3.43
C CYS A 18 7.93 0.51 4.42
N GLY A 19 7.34 1.69 4.46
CA GLY A 19 6.24 1.95 5.37
C GLY A 19 6.13 3.40 5.77
N ILE A 20 6.38 4.29 4.82
CA ILE A 20 6.31 5.73 5.08
C ILE A 20 4.94 6.13 5.60
N ASN A 21 4.91 7.08 6.51
CA ASN A 21 3.65 7.56 7.08
C ASN A 21 2.94 8.49 6.12
N ILE A 22 2.45 7.93 5.02
CA ILE A 22 1.74 8.70 4.00
C ILE A 22 0.23 8.49 4.11
N ALA A 23 -0.25 8.33 5.34
CA ALA A 23 -1.68 8.13 5.58
C ALA A 23 -2.48 9.39 5.25
N GLY A 24 -3.32 9.30 4.23
CA GLY A 24 -4.14 10.44 3.83
C GLY A 24 -3.30 11.56 3.25
N MET A 25 -2.08 11.25 2.85
CA MET A 25 -1.18 12.25 2.28
C MET A 25 -1.12 12.11 0.76
N SER A 26 -0.30 12.95 0.13
CA SER A 26 -0.15 12.92 -1.32
C SER A 26 0.97 11.98 -1.74
N ALA A 27 0.65 11.03 -2.61
CA ALA A 27 1.63 10.06 -3.09
C ALA A 27 1.05 9.21 -4.21
N ALA A 28 1.86 8.29 -4.72
CA ALA A 28 1.44 7.40 -5.80
C ALA A 28 0.41 6.39 -5.30
N THR A 29 -0.83 6.54 -5.74
CA THR A 29 -1.90 5.65 -5.33
C THR A 29 -2.55 4.98 -6.54
N PHE A 30 -2.90 3.71 -6.40
CA PHE A 30 -3.54 2.96 -7.48
C PHE A 30 -4.36 1.80 -6.93
N LYS A 31 -5.03 1.08 -7.82
CA LYS A 31 -5.85 -0.05 -7.44
C LYS A 31 -5.24 -1.36 -7.92
N CYS A 32 -5.02 -2.28 -6.99
CA CYS A 32 -4.43 -3.58 -7.31
C CYS A 32 -5.37 -4.39 -8.20
N PRO A 33 -4.86 -4.85 -9.35
CA PRO A 33 -5.64 -5.64 -10.31
C PRO A 33 -5.95 -7.04 -9.78
N ASP A 34 -5.38 -7.37 -8.63
CA ASP A 34 -5.61 -8.67 -8.02
C ASP A 34 -6.82 -8.65 -7.10
N CYS A 35 -6.80 -7.72 -6.14
CA CYS A 35 -7.90 -7.59 -5.19
C CYS A 35 -8.73 -6.35 -5.49
N GLY A 36 -8.06 -5.24 -5.75
CA GLY A 36 -8.75 -4.00 -6.05
C GLY A 36 -8.71 -3.02 -4.90
N GLN A 37 -7.80 -3.24 -3.96
CA GLN A 37 -7.67 -2.37 -2.80
C GLN A 37 -6.80 -1.16 -3.13
N GLU A 38 -7.07 -0.05 -2.45
CA GLU A 38 -6.33 1.19 -2.68
C GLU A 38 -4.92 1.08 -2.09
N ILE A 39 -3.91 1.07 -2.95
CA ILE A 39 -2.53 0.97 -2.52
C ILE A 39 -1.89 2.35 -2.41
N SER A 40 -1.17 2.58 -1.31
CA SER A 40 -0.51 3.86 -1.08
C SER A 40 1.01 3.68 -1.04
N ARG A 41 1.70 4.37 -1.95
CA ARG A 41 3.16 4.29 -2.01
C ARG A 41 3.77 5.68 -2.10
N CYS A 42 4.71 5.96 -1.20
CA CYS A 42 5.38 7.26 -1.18
C CYS A 42 6.15 7.50 -2.47
N SER A 43 6.51 8.75 -2.71
CA SER A 43 7.25 9.11 -3.91
C SER A 43 8.47 8.22 -4.10
N LYS A 44 9.08 7.82 -2.99
CA LYS A 44 10.26 6.95 -3.03
C LYS A 44 9.98 5.70 -3.87
N CYS A 45 8.73 5.29 -3.90
CA CYS A 45 8.33 4.11 -4.66
C CYS A 45 8.80 4.22 -6.11
N ARG A 46 8.97 5.45 -6.57
CA ARG A 46 9.41 5.70 -7.95
C ARG A 46 10.62 4.83 -8.29
N LYS A 47 11.48 4.60 -7.31
CA LYS A 47 12.67 3.78 -7.50
C LYS A 47 12.35 2.30 -7.39
N GLN A 48 11.40 1.96 -6.52
CA GLN A 48 10.99 0.57 -6.33
C GLN A 48 10.01 0.14 -7.41
N SER A 49 9.69 1.06 -8.31
CA SER A 49 8.75 0.78 -9.39
C SER A 49 9.19 -0.45 -10.19
N ASN A 50 10.50 -0.63 -10.29
CA ASN A 50 11.05 -1.76 -11.03
C ASN A 50 10.44 -3.07 -10.54
N LEU A 51 10.15 -3.14 -9.25
CA LEU A 51 9.57 -4.34 -8.66
C LEU A 51 8.77 -3.99 -7.40
N TYR A 52 7.46 -4.22 -7.46
CA TYR A 52 6.59 -3.94 -6.32
C TYR A 52 5.79 -5.18 -5.92
N GLU A 53 5.06 -5.07 -4.81
CA GLU A 53 4.24 -6.18 -4.32
C GLU A 53 3.13 -5.68 -3.43
N CYS A 54 1.90 -6.08 -3.74
CA CYS A 54 0.74 -5.68 -2.95
C CYS A 54 0.79 -6.27 -1.55
N PRO A 55 0.95 -5.41 -0.54
CA PRO A 55 1.01 -5.84 0.86
C PRO A 55 -0.33 -6.34 1.37
N ASP A 56 -1.38 -6.11 0.60
CA ASP A 56 -2.73 -6.53 0.99
C ASP A 56 -2.92 -8.01 0.66
N CYS A 57 -2.75 -8.37 -0.60
CA CYS A 57 -2.93 -9.76 -1.04
C CYS A 57 -1.57 -10.41 -1.30
N GLY A 58 -0.51 -9.82 -0.74
CA GLY A 58 0.82 -10.37 -0.93
C GLY A 58 1.08 -10.77 -2.36
N PHE A 59 0.67 -9.92 -3.30
CA PHE A 59 0.86 -10.21 -4.73
C PHE A 59 2.12 -9.53 -5.24
N MET A 60 3.10 -10.33 -5.63
CA MET A 60 4.36 -9.81 -6.15
C MET A 60 4.24 -9.48 -7.64
N GLY A 61 4.66 -8.28 -8.01
CA GLY A 61 4.58 -7.87 -9.40
C GLY A 61 5.79 -7.05 -9.83
N PRO A 62 5.88 -6.74 -11.13
CA PRO A 62 6.98 -5.96 -11.69
C PRO A 62 6.94 -4.50 -11.25
#